data_8IHF
#
_entry.id   8IHF
#
_cell.length_a   1.00
_cell.length_b   1.00
_cell.length_c   1.00
_cell.angle_alpha   90.00
_cell.angle_beta   90.00
_cell.angle_gamma   90.00
#
_symmetry.space_group_name_H-M   'P 1'
#
loop_
_entity.id
_entity.type
_entity.pdbx_description
1 polymer 'Guanine nucleotide-binding protein G(i) subunit alpha-1'
2 polymer scFv16
3 polymer 'Guanine nucleotide-binding protein G(I)/G(S)/G(T) subunit beta-1'
4 polymer 'Guanine nucleotide-binding protein G(I)/G(S)/G(O) subunit gamma-2'
5 polymer 'Soluble cytochrome b562,Hydroxycarboxylic acid receptor 2'
6 non-polymer 2-acetamido-2-deoxy-beta-D-glucopyranose
7 non-polymer '2-[[2,2-dimethyl-3-[3-(5-oxidanylpyridin-2-yl)-1,2,4-oxadiazol-5-yl]propanoyl]amino]cyclohexene-1-carboxylic acid'
#
loop_
_entity_poly.entity_id
_entity_poly.type
_entity_poly.pdbx_seq_one_letter_code
_entity_poly.pdbx_strand_id
1 'polypeptide(L)'
;MGCTLSAEDKAAVERSKMIDRNLREDGEKAAREVKLLLLGAGESGKSTIVKQMKIIHEAGYSEEECKQYKAVVYSNTIQS
IIAIIRAMGRLKIDFGDSARADDARQLFVLAGAAEEGFMTAELAGVIKRLWKDSGVQACFNRSREYQLNDSAAYYLNDLD
RIAQPNYIPTQQDVLRTRVKTTGIVETHFTFKDLHFKMFDVGAQRSERKKWIHCFEGVAAIIFCVALSDYDLVLAEDEEM
NRMHESMKLFDSICNNKWFTDTSIILFLNKKDLFEEKIKKSPLTICYQEYAGSNTYEEAAAYIQCQFEDLNKRKDTKEIY
THFTCSTDTKNVQFVFDAVTDVIIKNNLKDCGLF
;
A
2 'polypeptide(L)'
;DVQLVESGGGLVQPGGSRKLSCSASGFAFSSFGMHWVRQAPEKGLEWVAYISSGSGTIYYADTVKGRFTISRDDPKNTLF
LQMTSLRSEDTAMYYCVRSIYYYGSSPFDFWGQGTTLTVSSGGGGSGGGGSGGGGSDIVMTQATSSVPVTPGESVSISCR
SSKSLLHSNGNTYLYWFLQRPGQSPQLLIYRMSNLASGVPDRFSGSGSGTAFTLTISRLEAEDVGVYYCMQHLEYPLTFG
AGTKLELK
;
S
3 'polypeptide(L)'
;MHHHHHHHHENLYFQGSSELDQLRQEAEQLKNQIRDARKACADATLSQITNNIDPVGRIQMRTRRTLRGHLAKIYAMHWG
TDSRLLVSASQDGKLIIWDSYTTNKVHAIPLRSSWVMTCAYAPSGNYVACGGLDNICSIYNLKTREGNVRVSRELAGHTG
YLSCCRFLDDNQIVTSSGDTTCALWDIETGQQTTTFTGHTGDVMSLSLAPDTRLFVSGACDASAKLWDVREGMCRQTFTG
HESDINAICFFPNGNAFATGSDDATCRLFDLRADQELMTYSHDNIICGITSVSFSKSGRLLLAGYDDFNCNVWDALKADR
AGVLAGHDNRVSCLGVTDDGMAVATGSWDSFLKIWNGGSGGGGSGGSSSGGVSGWRLFKKIS
;
B
4 'polypeptide(L)' ASNNTASIAQARKLVEQLKMEANIDRIKVSKAAADLMAYCEAHAKEDPLLTPVPASENPFREKKFFCAIL C
5 'polypeptide(L)'
;MKTIIALSYIFCLVFADYKDDDDKADLEDNWETLNDNLKVIEKADNAAQVKDALTKMRAAALDAQKATPPKLEDKSPDSP
EMKDFRHGFDILVGQIDDALKLANEGKVKEAQAAAEQLKTTRNAYIQKYLNRHHLQDHFLEIDKKNCCVFRDDFIVKVLP
PVLGLEFIFGLLGNGLALWIFCFHLKSWKSSRIFLFNLAVADFLLIICLPFLMDNYVRRWDWKFGDIPCRLMLFMLAMNR
QGSIIFLTVVAVDRYFRVVHPHHALNKISNRTAAIISCLLWGITIGLTVHLLKKKMPIQNGGANLCSSFSICHTFQWHEA
MFLLEFFLPLGIILFCSARIIWSLRQRQMDRHAKIKRAITFIMVVAIVFVICFLPSVVVRIRIFWLLHTSGTQNCEVYRS
VDLAFFITLSFTYMNSMLDPVVYYFSSPSFPNFFSTLINRCLQRKMTGEPDNNRSTSVELTGDPNKTRGAPEALMANSGE
PWSPSYLGPTSPENLYFQGSVFTLEDFVGDWEQTAAYNLDQVLEQGGVSSLLQNLAVSVTPIQRIVRSGENALKIDIHVI
IPYEGLSADQMAQIEEVFKVVYPVDDHHFKVILPYGTLVIDGVTPNMLNYFGRPYEGIAVFDGKKITVTGTLWNGNKIID
ERLITPDGSMLFRVTINS
;
R
#
loop_
_chem_comp.id
_chem_comp.type
_chem_comp.name
_chem_comp.formula
FI7 non-polymer '2-[[2,2-dimethyl-3-[3-(5-oxidanylpyridin-2-yl)-1,2,4-oxadiazol-5-yl]propanoyl]amino]cyclohexene-1-carboxylic acid' 'C19 H22 N4 O5'
NAG D-saccharide, beta linking 2-acetamido-2-deoxy-beta-D-glucopyranose 'C8 H15 N O6'
#
# COMPACT_ATOMS: atom_id res chain seq x y z
N SER A 6 -3.83 -20.19 22.73
CA SER A 6 -4.16 -19.93 21.34
C SER A 6 -5.59 -19.42 21.20
N ALA A 7 -6.37 -19.55 22.27
CA ALA A 7 -7.71 -18.98 22.28
C ALA A 7 -7.67 -17.47 22.18
N GLU A 8 -6.73 -16.85 22.90
CA GLU A 8 -6.51 -15.41 22.76
C GLU A 8 -5.79 -15.06 21.46
N ASP A 9 -4.93 -15.96 20.97
CA ASP A 9 -4.26 -15.72 19.71
C ASP A 9 -5.23 -15.79 18.53
N LYS A 10 -6.19 -16.72 18.58
CA LYS A 10 -7.18 -16.82 17.52
C LYS A 10 -8.09 -15.60 17.51
N ALA A 11 -8.35 -15.00 18.68
CA ALA A 11 -9.16 -13.80 18.75
C ALA A 11 -8.41 -12.58 18.25
N ALA A 12 -7.07 -12.59 18.38
CA ALA A 12 -6.26 -11.50 17.87
C ALA A 12 -6.15 -11.53 16.35
N VAL A 13 -6.09 -12.72 15.76
CA VAL A 13 -5.98 -12.84 14.30
C VAL A 13 -7.24 -12.31 13.63
N GLU A 14 -8.41 -12.65 14.17
CA GLU A 14 -9.65 -12.18 13.57
C GLU A 14 -9.86 -10.69 13.77
N ARG A 15 -9.19 -10.07 14.75
CA ARG A 15 -9.20 -8.62 14.86
C ARG A 15 -8.37 -7.97 13.76
N SER A 16 -7.23 -8.58 13.42
CA SER A 16 -6.45 -8.08 12.30
C SER A 16 -7.22 -8.18 11.00
N LYS A 17 -7.97 -9.28 10.82
CA LYS A 17 -8.79 -9.42 9.61
C LYS A 17 -9.86 -8.35 9.53
N MET A 18 -10.45 -7.99 10.68
CA MET A 18 -11.42 -6.89 10.69
C MET A 18 -10.75 -5.55 10.39
N ILE A 19 -9.48 -5.40 10.75
CA ILE A 19 -8.73 -4.21 10.37
C ILE A 19 -8.46 -4.20 8.87
N ASP A 20 -8.12 -5.37 8.30
CA ASP A 20 -7.80 -5.46 6.88
C ASP A 20 -8.97 -5.04 6.01
N ARG A 21 -10.19 -5.48 6.35
CA ARG A 21 -11.34 -5.15 5.54
C ARG A 21 -11.65 -3.65 5.60
N ASN A 22 -11.35 -3.01 6.73
CA ASN A 22 -11.57 -1.57 6.82
C ASN A 22 -10.54 -0.79 6.01
N LEU A 23 -9.30 -1.28 5.98
CA LEU A 23 -8.28 -0.63 5.18
C LEU A 23 -8.62 -0.68 3.69
N ARG A 24 -9.11 -1.82 3.22
CA ARG A 24 -9.50 -1.95 1.82
C ARG A 24 -10.71 -1.09 1.51
N GLU A 25 -11.66 -0.99 2.45
CA GLU A 25 -12.84 -0.16 2.21
C GLU A 25 -12.46 1.31 2.07
N ASP A 26 -11.53 1.78 2.89
CA ASP A 26 -11.04 3.15 2.73
C ASP A 26 -10.22 3.32 1.47
N GLY A 27 -9.47 2.28 1.07
CA GLY A 27 -8.68 2.38 -0.15
C GLY A 27 -9.54 2.46 -1.39
N GLU A 28 -10.67 1.74 -1.40
CA GLU A 28 -11.59 1.83 -2.54
C GLU A 28 -12.16 3.23 -2.67
N LYS A 29 -12.55 3.85 -1.56
CA LYS A 29 -13.07 5.21 -1.60
C LYS A 29 -12.01 6.20 -2.03
N ALA A 30 -10.78 6.04 -1.54
CA ALA A 30 -9.72 6.99 -1.86
C ALA A 30 -9.29 6.89 -3.31
N ALA A 31 -9.39 5.70 -3.92
CA ALA A 31 -8.97 5.53 -5.31
C ALA A 31 -9.94 6.19 -6.29
N ARG A 32 -11.14 6.54 -5.84
CA ARG A 32 -12.15 7.14 -6.71
C ARG A 32 -12.12 8.67 -6.67
N GLU A 33 -11.17 9.27 -5.95
CA GLU A 33 -11.08 10.71 -5.83
C GLU A 33 -9.92 11.25 -6.66
N VAL A 34 -10.18 12.32 -7.39
CA VAL A 34 -9.20 12.95 -8.27
C VAL A 34 -8.35 13.90 -7.42
N LYS A 35 -7.03 13.73 -7.49
CA LYS A 35 -6.10 14.56 -6.74
C LYS A 35 -5.47 15.59 -7.68
N LEU A 36 -5.64 16.87 -7.35
CA LEU A 36 -5.08 17.97 -8.11
C LEU A 36 -4.16 18.78 -7.21
N LEU A 37 -3.09 19.31 -7.78
CA LEU A 37 -2.14 20.15 -7.08
C LEU A 37 -2.25 21.57 -7.59
N LEU A 38 -2.47 22.52 -6.69
CA LEU A 38 -2.66 23.91 -7.04
C LEU A 38 -1.41 24.71 -6.69
N LEU A 39 -0.89 25.44 -7.66
CA LEU A 39 0.34 26.22 -7.49
C LEU A 39 0.14 27.62 -8.04
N GLY A 40 1.11 28.49 -7.77
CA GLY A 40 1.03 29.86 -8.20
C GLY A 40 2.17 30.67 -7.61
N ALA A 41 1.98 31.99 -7.63
CA ALA A 41 2.97 32.92 -7.09
C ALA A 41 2.41 33.74 -5.93
N GLY A 42 1.53 33.13 -5.13
CA GLY A 42 0.94 33.82 -4.00
C GLY A 42 -0.27 34.66 -4.36
N GLU A 43 -0.03 35.82 -4.97
CA GLU A 43 -1.10 36.71 -5.40
C GLU A 43 -1.50 36.48 -6.85
N SER A 44 -1.20 35.31 -7.41
CA SER A 44 -1.52 35.01 -8.79
C SER A 44 -3.00 34.78 -9.03
N GLY A 45 -3.79 34.62 -7.98
CA GLY A 45 -5.21 34.38 -8.10
C GLY A 45 -5.67 32.98 -7.76
N LYS A 46 -4.94 32.25 -6.93
CA LYS A 46 -5.40 30.93 -6.52
C LYS A 46 -6.60 31.03 -5.57
N SER A 47 -6.68 32.11 -4.79
CA SER A 47 -7.78 32.26 -3.86
C SER A 47 -9.12 32.37 -4.58
N THR A 48 -9.16 33.16 -5.65
CA THR A 48 -10.40 33.29 -6.42
C THR A 48 -10.66 32.06 -7.27
N ILE A 49 -9.61 31.35 -7.68
CA ILE A 49 -9.79 30.11 -8.43
C ILE A 49 -10.47 29.06 -7.56
N VAL A 50 -10.07 28.97 -6.29
CA VAL A 50 -10.63 27.97 -5.38
C VAL A 50 -12.12 28.19 -5.19
N LYS A 51 -12.52 29.46 -5.00
CA LYS A 51 -13.94 29.76 -4.82
C LYS A 51 -14.75 29.38 -6.05
N GLN A 52 -14.14 29.46 -7.25
CA GLN A 52 -14.85 29.09 -8.46
C GLN A 52 -15.19 27.61 -8.47
N MET A 53 -14.25 26.76 -8.02
CA MET A 53 -14.51 25.33 -7.99
C MET A 53 -15.65 25.00 -7.02
N LYS A 54 -15.68 25.64 -5.87
CA LYS A 54 -16.71 25.38 -4.87
C LYS A 54 -18.09 25.81 -5.35
N THR A 182 -1.83 27.17 9.12
CA THR A 182 -0.74 27.05 8.15
C THR A 182 -0.47 25.59 7.81
N GLY A 183 0.36 25.37 6.79
CA GLY A 183 0.70 24.02 6.38
C GLY A 183 0.21 23.69 4.99
N ILE A 184 -0.74 22.77 4.90
CA ILE A 184 -1.36 22.40 3.63
C ILE A 184 -2.86 22.64 3.74
N VAL A 185 -3.45 23.02 2.60
CA VAL A 185 -4.87 23.33 2.53
C VAL A 185 -5.52 22.37 1.54
N GLU A 186 -6.55 21.66 2.00
CA GLU A 186 -7.28 20.71 1.17
C GLU A 186 -8.64 21.29 0.82
N THR A 187 -8.98 21.25 -0.47
CA THR A 187 -10.26 21.74 -0.97
C THR A 187 -11.04 20.58 -1.56
N HIS A 188 -12.30 20.45 -1.16
CA HIS A 188 -13.16 19.36 -1.61
C HIS A 188 -14.28 19.93 -2.46
N PHE A 189 -14.41 19.41 -3.68
CA PHE A 189 -15.53 19.76 -4.53
C PHE A 189 -15.81 18.60 -5.47
N THR A 190 -17.03 18.58 -6.00
CA THR A 190 -17.47 17.52 -6.90
C THR A 190 -18.01 18.14 -8.18
N PHE A 191 -17.92 17.39 -9.27
CA PHE A 191 -18.38 17.87 -10.57
C PHE A 191 -18.70 16.66 -11.44
N LYS A 192 -19.95 16.54 -11.87
CA LYS A 192 -20.40 15.47 -12.75
C LYS A 192 -20.07 14.09 -12.17
N ASP A 193 -20.48 13.88 -10.92
CA ASP A 193 -20.30 12.61 -10.21
C ASP A 193 -18.82 12.24 -10.09
N LEU A 194 -17.95 13.24 -10.09
CA LEU A 194 -16.51 13.04 -9.91
C LEU A 194 -16.05 13.91 -8.75
N HIS A 195 -15.31 13.29 -7.82
CA HIS A 195 -14.86 13.98 -6.62
C HIS A 195 -13.40 14.39 -6.78
N PHE A 196 -13.10 15.66 -6.55
CA PHE A 196 -11.78 16.22 -6.74
C PHE A 196 -11.15 16.61 -5.41
N LYS A 197 -9.86 16.34 -5.28
CA LYS A 197 -9.06 16.77 -4.14
C LYS A 197 -8.05 17.80 -4.66
N MET A 198 -8.12 19.02 -4.14
CA MET A 198 -7.21 20.09 -4.54
C MET A 198 -6.36 20.49 -3.34
N PHE A 199 -5.05 20.44 -3.52
CA PHE A 199 -4.10 20.72 -2.45
C PHE A 199 -3.33 21.99 -2.75
N ASP A 200 -3.36 22.93 -1.81
CA ASP A 200 -2.64 24.20 -1.94
C ASP A 200 -1.42 24.15 -1.04
N VAL A 201 -0.25 24.41 -1.63
CA VAL A 201 1.01 24.36 -0.90
C VAL A 201 1.68 25.73 -0.93
N GLY A 202 0.86 26.78 -0.99
CA GLY A 202 1.39 28.13 -1.04
C GLY A 202 1.87 28.68 0.29
N ALA A 203 1.60 27.98 1.38
CA ALA A 203 2.01 28.40 2.72
C ALA A 203 3.23 27.63 3.22
N GLN A 204 4.03 27.08 2.32
CA GLN A 204 5.21 26.33 2.75
C GLN A 204 6.44 27.23 2.85
N ARG A 205 6.79 27.90 1.76
CA ARG A 205 7.94 28.80 1.71
C ARG A 205 9.24 28.09 2.12
N SER A 206 9.38 26.84 1.69
CA SER A 206 10.55 26.04 2.02
C SER A 206 11.16 25.43 0.75
N GLU A 207 12.10 24.52 0.91
CA GLU A 207 12.74 23.87 -0.23
C GLU A 207 11.72 22.99 -0.93
N ARG A 208 11.35 23.36 -2.16
CA ARG A 208 10.32 22.63 -2.89
C ARG A 208 10.76 21.19 -3.17
N LYS A 209 12.02 21.00 -3.53
CA LYS A 209 12.49 19.68 -3.94
C LYS A 209 12.49 18.66 -2.82
N LYS A 210 12.34 19.08 -1.56
CA LYS A 210 12.33 18.14 -0.45
C LYS A 210 10.95 17.60 -0.12
N TRP A 211 9.89 18.15 -0.72
CA TRP A 211 8.54 17.63 -0.49
C TRP A 211 7.72 17.56 -1.77
N ILE A 212 8.32 17.82 -2.94
CA ILE A 212 7.54 17.80 -4.17
C ILE A 212 7.33 16.38 -4.70
N HIS A 213 8.10 15.41 -4.21
CA HIS A 213 7.89 14.02 -4.62
C HIS A 213 6.68 13.40 -3.95
N CYS A 214 6.16 14.01 -2.89
CA CYS A 214 4.95 13.51 -2.25
C CYS A 214 3.72 13.65 -3.14
N PHE A 215 3.77 14.55 -4.12
CA PHE A 215 2.65 14.79 -5.01
C PHE A 215 2.78 14.08 -6.34
N GLU A 216 3.78 13.23 -6.50
CA GLU A 216 3.90 12.40 -7.70
C GLU A 216 2.73 11.42 -7.73
N GLY A 217 1.88 11.54 -8.74
CA GLY A 217 0.71 10.68 -8.84
C GLY A 217 -0.58 11.45 -8.91
N VAL A 218 -0.49 12.79 -8.91
CA VAL A 218 -1.68 13.61 -9.04
C VAL A 218 -2.19 13.54 -10.49
N ALA A 219 -3.49 13.71 -10.65
CA ALA A 219 -4.07 13.68 -11.99
C ALA A 219 -3.55 14.82 -12.85
N ALA A 220 -3.47 16.02 -12.28
CA ALA A 220 -3.01 17.18 -13.02
C ALA A 220 -2.49 18.22 -12.04
N ILE A 221 -1.77 19.20 -12.59
CA ILE A 221 -1.24 20.32 -11.82
C ILE A 221 -1.94 21.58 -12.32
N ILE A 222 -2.58 22.30 -11.41
CA ILE A 222 -3.27 23.54 -11.75
C ILE A 222 -2.33 24.69 -11.42
N PHE A 223 -1.87 25.39 -12.44
CA PHE A 223 -0.93 26.49 -12.29
C PHE A 223 -1.66 27.81 -12.53
N CYS A 224 -1.50 28.75 -11.60
CA CYS A 224 -2.15 30.04 -11.66
C CYS A 224 -1.11 31.13 -11.87
N VAL A 225 -1.32 31.95 -12.89
CA VAL A 225 -0.44 33.07 -13.20
C VAL A 225 -1.30 34.30 -13.46
N ALA A 226 -0.96 35.42 -12.83
CA ALA A 226 -1.66 36.67 -13.06
C ALA A 226 -1.09 37.35 -14.30
N LEU A 227 -1.97 37.85 -15.15
CA LEU A 227 -1.55 38.56 -16.35
C LEU A 227 -1.33 40.05 -16.11
N SER A 228 -1.72 40.56 -14.95
CA SER A 228 -1.61 41.99 -14.66
C SER A 228 -0.34 42.35 -13.90
N ASP A 229 0.54 41.39 -13.62
CA ASP A 229 1.77 41.65 -12.89
C ASP A 229 3.00 41.61 -13.79
N TYR A 230 2.84 41.82 -15.10
CA TYR A 230 3.98 41.84 -15.99
C TYR A 230 4.87 43.05 -15.72
N ASP A 231 4.29 44.17 -15.31
CA ASP A 231 5.05 45.38 -15.01
C ASP A 231 5.36 45.54 -13.52
N LEU A 232 4.53 45.00 -12.64
CA LEU A 232 4.80 45.08 -11.21
C LEU A 232 6.03 44.26 -10.85
N VAL A 233 6.76 44.74 -9.84
CA VAL A 233 7.95 44.07 -9.36
C VAL A 233 7.69 43.53 -7.96
N LEU A 234 8.46 42.52 -7.58
CA LEU A 234 8.31 41.89 -6.28
C LEU A 234 8.76 42.83 -5.16
N GLU A 239 14.18 45.81 -9.00
CA GLU A 239 14.59 44.42 -8.88
C GLU A 239 14.11 43.60 -10.08
N MET A 240 13.31 42.58 -9.80
CA MET A 240 12.76 41.69 -10.82
C MET A 240 11.25 41.78 -10.82
N ASN A 241 10.66 41.82 -12.01
CA ASN A 241 9.21 41.87 -12.14
C ASN A 241 8.60 40.53 -11.75
N ARG A 242 7.30 40.57 -11.45
CA ARG A 242 6.63 39.38 -10.93
C ARG A 242 6.37 38.34 -12.01
N MET A 243 6.21 38.78 -13.26
CA MET A 243 5.88 37.84 -14.33
C MET A 243 7.00 36.83 -14.56
N HIS A 244 8.25 37.30 -14.61
CA HIS A 244 9.37 36.37 -14.79
C HIS A 244 9.57 35.49 -13.57
N GLU A 245 9.17 35.95 -12.39
CA GLU A 245 9.23 35.09 -11.21
C GLU A 245 8.32 33.87 -11.37
N SER A 246 7.14 34.08 -11.96
CA SER A 246 6.26 32.95 -12.26
C SER A 246 6.89 32.04 -13.31
N MET A 247 7.60 32.61 -14.27
CA MET A 247 8.23 31.82 -15.32
C MET A 247 9.31 30.91 -14.75
N LYS A 248 10.07 31.41 -13.76
CA LYS A 248 11.09 30.59 -13.13
C LYS A 248 10.47 29.38 -12.42
N LEU A 249 9.37 29.59 -11.71
CA LEU A 249 8.74 28.49 -11.00
C LEU A 249 8.02 27.55 -11.96
N PHE A 250 7.41 28.10 -13.01
CA PHE A 250 6.77 27.26 -14.02
C PHE A 250 7.79 26.38 -14.72
N ASP A 251 8.97 26.93 -15.02
CA ASP A 251 10.00 26.15 -15.71
C ASP A 251 10.49 25.00 -14.84
N SER A 252 10.66 25.24 -13.55
CA SER A 252 11.13 24.17 -12.66
C SER A 252 10.05 23.12 -12.45
N ILE A 253 8.79 23.55 -12.33
CA ILE A 253 7.70 22.60 -12.10
C ILE A 253 7.46 21.76 -13.35
N CYS A 254 7.40 22.42 -14.51
CA CYS A 254 7.09 21.70 -15.75
C CYS A 254 8.17 20.68 -16.10
N ASN A 255 9.44 21.05 -15.91
CA ASN A 255 10.56 20.20 -16.25
C ASN A 255 11.05 19.38 -15.06
N ASN A 256 10.26 19.28 -14.01
CA ASN A 256 10.63 18.47 -12.86
C ASN A 256 10.72 17.00 -13.25
N LYS A 257 11.67 16.29 -12.61
CA LYS A 257 11.82 14.87 -12.88
C LYS A 257 10.60 14.08 -12.43
N TRP A 258 9.90 14.55 -11.39
CA TRP A 258 8.71 13.87 -10.91
C TRP A 258 7.52 14.09 -11.82
N PHE A 259 7.38 15.28 -12.39
CA PHE A 259 6.28 15.62 -13.29
C PHE A 259 6.82 15.54 -14.72
N THR A 260 6.86 14.32 -15.27
CA THR A 260 7.27 14.12 -16.64
C THR A 260 6.12 13.75 -17.56
N ASP A 261 4.99 13.31 -17.01
CA ASP A 261 3.84 12.96 -17.81
C ASP A 261 2.52 13.49 -17.26
N THR A 262 2.53 14.20 -16.14
CA THR A 262 1.32 14.76 -15.58
C THR A 262 0.91 16.00 -16.37
N SER A 263 -0.35 16.06 -16.76
CA SER A 263 -0.85 17.23 -17.48
C SER A 263 -0.78 18.45 -16.58
N ILE A 264 -0.38 19.58 -17.16
CA ILE A 264 -0.28 20.85 -16.45
C ILE A 264 -1.36 21.77 -17.01
N ILE A 265 -2.24 22.24 -16.13
CA ILE A 265 -3.30 23.18 -16.50
C ILE A 265 -2.83 24.56 -16.10
N LEU A 266 -2.67 25.45 -17.08
CA LEU A 266 -2.20 26.81 -16.84
C LEU A 266 -3.39 27.75 -16.90
N PHE A 267 -3.60 28.50 -15.82
CA PHE A 267 -4.68 29.48 -15.74
C PHE A 267 -4.04 30.87 -15.73
N LEU A 268 -4.41 31.69 -16.70
CA LEU A 268 -3.94 33.07 -16.78
C LEU A 268 -5.04 33.96 -16.21
N ASN A 269 -4.87 34.36 -14.95
CA ASN A 269 -5.89 35.11 -14.24
C ASN A 269 -5.71 36.61 -14.46
N LYS A 270 -6.65 37.38 -13.91
CA LYS A 270 -6.60 38.85 -13.96
C LYS A 270 -6.54 39.35 -15.41
N LYS A 271 -7.28 38.68 -16.30
CA LYS A 271 -7.32 39.12 -17.68
C LYS A 271 -8.08 40.44 -17.83
N ASP A 272 -8.99 40.74 -16.90
CA ASP A 272 -9.70 42.02 -16.95
C ASP A 272 -8.75 43.16 -16.62
N LEU A 273 -7.91 43.00 -15.60
CA LEU A 273 -6.93 44.03 -15.27
C LEU A 273 -5.90 44.18 -16.38
N PHE A 274 -5.50 43.07 -16.99
CA PHE A 274 -4.58 43.11 -18.13
C PHE A 274 -5.20 43.80 -19.34
N GLU A 275 -6.53 43.78 -19.45
CA GLU A 275 -7.19 44.46 -20.56
C GLU A 275 -6.96 45.98 -20.48
N GLU A 276 -7.21 46.57 -19.32
CA GLU A 276 -7.04 48.01 -19.16
C GLU A 276 -5.58 48.42 -19.04
N LYS A 277 -4.76 47.59 -18.40
CA LYS A 277 -3.36 47.96 -18.17
C LYS A 277 -2.58 48.03 -19.48
N ILE A 278 -2.89 47.16 -20.44
CA ILE A 278 -2.20 47.20 -21.73
C ILE A 278 -2.55 48.46 -22.52
N LYS A 279 -3.67 49.10 -22.19
CA LYS A 279 -4.02 50.35 -22.88
C LYS A 279 -3.11 51.49 -22.46
N LYS A 280 -2.79 51.57 -21.17
CA LYS A 280 -1.96 52.66 -20.64
C LYS A 280 -0.48 52.32 -20.56
N SER A 281 -0.12 51.04 -20.56
CA SER A 281 1.27 50.64 -20.47
C SER A 281 1.58 49.58 -21.53
N PRO A 282 2.78 49.60 -22.09
CA PRO A 282 3.14 48.57 -23.08
C PRO A 282 3.69 47.31 -22.42
N LEU A 283 3.86 46.25 -23.21
CA LEU A 283 4.40 45.00 -22.73
C LEU A 283 5.92 44.95 -22.80
N THR A 284 6.55 45.97 -23.41
CA THR A 284 8.00 45.96 -23.58
C THR A 284 8.73 46.00 -22.24
N ILE A 285 8.07 46.48 -21.19
CA ILE A 285 8.69 46.52 -19.87
C ILE A 285 8.99 45.10 -19.39
N CYS A 286 8.04 44.18 -19.57
CA CYS A 286 8.28 42.79 -19.19
C CYS A 286 9.18 42.09 -20.20
N TYR A 287 8.74 41.98 -21.44
CA TYR A 287 9.50 41.35 -22.51
C TYR A 287 10.05 42.44 -23.41
N GLN A 288 11.36 42.71 -23.29
CA GLN A 288 11.99 43.76 -24.10
C GLN A 288 12.08 43.38 -25.57
N GLU A 289 11.94 42.10 -25.90
CA GLU A 289 12.00 41.63 -27.28
C GLU A 289 10.64 41.58 -27.95
N TYR A 290 9.57 41.98 -27.24
CA TYR A 290 8.24 41.93 -27.83
C TYR A 290 8.11 42.96 -28.94
N ALA A 291 7.53 42.55 -30.07
CA ALA A 291 7.32 43.42 -31.23
C ALA A 291 5.91 43.15 -31.75
N GLY A 292 4.95 43.93 -31.26
CA GLY A 292 3.56 43.76 -31.68
C GLY A 292 2.70 44.85 -31.10
N SER A 293 1.47 44.92 -31.60
CA SER A 293 0.52 45.92 -31.15
C SER A 293 0.10 45.64 -29.71
N ASN A 294 -0.13 46.72 -28.96
CA ASN A 294 -0.52 46.61 -27.55
C ASN A 294 -2.04 46.44 -27.42
N THR A 295 -2.54 45.40 -28.07
CA THR A 295 -3.93 45.00 -27.97
C THR A 295 -4.04 43.68 -27.22
N TYR A 296 -5.22 43.44 -26.65
CA TYR A 296 -5.40 42.24 -25.82
C TYR A 296 -5.21 40.97 -26.64
N GLU A 297 -5.74 40.94 -27.87
CA GLU A 297 -5.67 39.72 -28.67
C GLU A 297 -4.22 39.35 -28.99
N GLU A 298 -3.39 40.33 -29.32
CA GLU A 298 -2.02 40.04 -29.72
C GLU A 298 -1.10 39.88 -28.52
N ALA A 299 -1.27 40.71 -27.50
CA ALA A 299 -0.36 40.68 -26.36
C ALA A 299 -0.57 39.44 -25.50
N ALA A 300 -1.83 39.10 -25.21
CA ALA A 300 -2.11 37.96 -24.35
C ALA A 300 -1.64 36.65 -24.97
N ALA A 301 -1.87 36.48 -26.27
CA ALA A 301 -1.42 35.27 -26.94
C ALA A 301 0.10 35.17 -26.98
N TYR A 302 0.81 36.30 -26.89
CA TYR A 302 2.26 36.25 -26.82
C TYR A 302 2.74 35.73 -25.48
N ILE A 303 2.10 36.16 -24.39
CA ILE A 303 2.48 35.67 -23.06
C ILE A 303 2.20 34.18 -22.93
N GLN A 304 1.06 33.73 -23.44
CA GLN A 304 0.74 32.30 -23.38
C GLN A 304 1.74 31.48 -24.18
N CYS A 305 2.13 31.96 -25.36
CA CYS A 305 3.11 31.25 -26.17
C CYS A 305 4.46 31.18 -25.46
N GLN A 306 4.83 32.25 -24.77
CA GLN A 306 6.10 32.26 -24.04
C GLN A 306 6.11 31.21 -22.92
N PHE A 307 5.00 31.09 -22.20
CA PHE A 307 4.93 30.12 -21.11
C PHE A 307 5.02 28.70 -21.63
N GLU A 308 4.33 28.38 -22.73
CA GLU A 308 4.38 27.04 -23.27
C GLU A 308 5.72 26.69 -23.89
N ASP A 309 6.54 27.70 -24.21
CA ASP A 309 7.85 27.44 -24.80
C ASP A 309 8.83 26.82 -23.81
N LEU A 310 8.58 26.96 -22.51
CA LEU A 310 9.44 26.36 -21.50
C LEU A 310 9.23 24.86 -21.36
N ASN A 311 8.22 24.30 -22.01
CA ASN A 311 7.93 22.87 -21.93
C ASN A 311 8.93 22.11 -22.80
N LYS A 312 9.93 21.50 -22.16
CA LYS A 312 10.91 20.72 -22.90
C LYS A 312 10.35 19.37 -23.33
N ARG A 313 9.52 18.75 -22.49
CA ARG A 313 8.91 17.46 -22.80
C ARG A 313 7.61 17.67 -23.57
N LYS A 314 7.77 17.99 -24.86
CA LYS A 314 6.64 18.27 -25.71
C LYS A 314 5.90 17.03 -26.18
N ASP A 315 6.44 15.84 -25.93
CA ASP A 315 5.83 14.60 -26.41
C ASP A 315 5.37 13.66 -25.29
N THR A 316 5.71 13.94 -24.04
CA THR A 316 5.26 13.11 -22.92
C THR A 316 4.19 13.76 -22.06
N LYS A 317 4.02 15.08 -22.14
CA LYS A 317 3.03 15.77 -21.34
C LYS A 317 2.40 16.89 -22.16
N GLU A 318 1.18 17.26 -21.79
CA GLU A 318 0.43 18.29 -22.47
C GLU A 318 0.11 19.42 -21.50
N ILE A 319 0.25 20.65 -21.97
CA ILE A 319 -0.02 21.85 -21.18
C ILE A 319 -1.30 22.49 -21.73
N TYR A 320 -2.30 22.61 -20.86
CA TYR A 320 -3.56 23.25 -21.21
C TYR A 320 -3.55 24.68 -20.70
N THR A 321 -3.78 25.63 -21.59
CA THR A 321 -3.80 27.05 -21.24
C THR A 321 -5.20 27.61 -21.40
N HIS A 322 -5.69 28.29 -20.37
CA HIS A 322 -7.01 28.88 -20.37
C HIS A 322 -6.92 30.29 -19.79
N PHE A 323 -7.85 31.15 -20.22
CA PHE A 323 -7.89 32.53 -19.77
C PHE A 323 -9.00 32.71 -18.76
N THR A 324 -8.66 33.27 -17.59
CA THR A 324 -9.57 33.39 -16.48
C THR A 324 -9.86 34.86 -16.18
N CYS A 325 -11.12 35.18 -15.96
CA CYS A 325 -11.55 36.51 -15.54
C CYS A 325 -11.92 36.47 -14.06
N SER A 326 -12.02 37.67 -13.47
CA SER A 326 -12.39 37.77 -12.06
C SER A 326 -13.79 37.22 -11.82
N THR A 327 -14.74 37.55 -12.69
CA THR A 327 -16.11 37.08 -12.60
C THR A 327 -16.42 36.28 -13.85
N ASP A 328 -16.18 34.97 -13.78
CA ASP A 328 -16.40 34.09 -14.91
C ASP A 328 -16.86 32.73 -14.39
N THR A 329 -17.19 31.84 -15.32
CA THR A 329 -17.62 30.49 -14.98
C THR A 329 -16.96 29.47 -15.90
N LYS A 330 -17.42 28.22 -15.84
CA LYS A 330 -16.93 27.13 -16.66
C LYS A 330 -15.46 26.81 -16.44
N ASN A 331 -14.83 27.40 -15.42
CA ASN A 331 -13.43 27.09 -15.13
C ASN A 331 -13.29 25.66 -14.63
N VAL A 332 -14.23 25.21 -13.79
CA VAL A 332 -14.20 23.84 -13.31
C VAL A 332 -14.46 22.86 -14.45
N GLN A 333 -15.22 23.28 -15.46
CA GLN A 333 -15.42 22.44 -16.64
C GLN A 333 -14.11 22.22 -17.39
N PHE A 334 -13.29 23.27 -17.50
CA PHE A 334 -12.00 23.14 -18.17
C PHE A 334 -11.10 22.16 -17.43
N VAL A 335 -11.11 22.21 -16.09
CA VAL A 335 -10.35 21.25 -15.31
C VAL A 335 -10.92 19.85 -15.47
N PHE A 336 -12.26 19.75 -15.54
CA PHE A 336 -12.89 18.44 -15.71
C PHE A 336 -12.54 17.84 -17.07
N ASP A 337 -12.51 18.66 -18.12
CA ASP A 337 -12.15 18.15 -19.44
C ASP A 337 -10.71 17.65 -19.46
N ALA A 338 -9.80 18.37 -18.81
CA ALA A 338 -8.39 18.00 -18.84
C ALA A 338 -8.14 16.70 -18.09
N VAL A 339 -8.78 16.50 -16.94
CA VAL A 339 -8.53 15.29 -16.17
C VAL A 339 -9.11 14.07 -16.86
N THR A 340 -10.22 14.24 -17.61
CA THR A 340 -10.77 13.12 -18.37
C THR A 340 -9.78 12.63 -19.42
N ASP A 341 -9.09 13.56 -20.09
CA ASP A 341 -8.05 13.16 -21.03
C ASP A 341 -6.91 12.43 -20.34
N VAL A 342 -6.59 12.82 -19.10
CA VAL A 342 -5.63 12.07 -18.31
C VAL A 342 -6.19 10.70 -17.96
N ILE A 343 -7.47 10.64 -17.61
CA ILE A 343 -8.10 9.37 -17.25
C ILE A 343 -8.16 8.44 -18.45
N ILE A 344 -8.52 8.98 -19.62
CA ILE A 344 -8.59 8.17 -20.83
C ILE A 344 -7.23 7.57 -21.16
N LYS A 345 -6.17 8.38 -21.05
CA LYS A 345 -4.82 7.87 -21.26
C LYS A 345 -4.45 6.82 -20.20
N ASN A 346 -4.87 7.03 -18.95
CA ASN A 346 -4.61 6.04 -17.91
C ASN A 346 -5.35 4.75 -18.19
N ASN A 347 -6.59 4.85 -18.69
CA ASN A 347 -7.34 3.65 -19.04
C ASN A 347 -6.65 2.87 -20.15
N LEU A 348 -6.13 3.58 -21.15
CA LEU A 348 -5.42 2.95 -22.26
C LEU A 348 -4.04 2.44 -21.87
N LYS A 349 -3.61 2.67 -20.63
CA LYS A 349 -2.40 2.05 -20.12
C LYS A 349 -2.67 0.70 -19.46
N ASP A 350 -3.80 0.56 -18.77
CA ASP A 350 -4.18 -0.74 -18.23
C ASP A 350 -4.47 -1.74 -19.36
N CYS A 351 -5.16 -1.30 -20.40
CA CYS A 351 -5.46 -2.17 -21.53
C CYS A 351 -4.25 -2.44 -22.42
N GLY A 352 -3.19 -1.65 -22.28
CA GLY A 352 -1.94 -1.87 -22.99
C GLY A 352 -1.79 -1.19 -24.33
N LEU A 353 -2.86 -0.58 -24.83
CA LEU A 353 -2.83 0.10 -26.12
C LEU A 353 -1.86 1.27 -26.14
N PHE A 354 -2.00 2.18 -25.18
CA PHE A 354 -1.24 3.41 -25.16
C PHE A 354 -0.06 3.28 -24.19
N VAL B 5 -19.96 1.67 32.07
CA VAL B 5 -20.98 1.04 32.89
C VAL B 5 -21.94 0.24 32.02
N GLU B 6 -22.54 -0.79 32.61
CA GLU B 6 -23.46 -1.66 31.88
C GLU B 6 -24.36 -2.38 32.88
N SER B 7 -25.61 -2.63 32.46
CA SER B 7 -26.59 -3.32 33.31
C SER B 7 -27.78 -3.69 32.46
N GLY B 8 -28.70 -4.45 33.05
CA GLY B 8 -29.96 -4.79 32.41
C GLY B 8 -30.32 -6.26 32.44
N GLY B 9 -31.62 -6.54 32.45
CA GLY B 9 -32.09 -7.91 32.40
C GLY B 9 -33.38 -8.06 33.18
N GLY B 10 -33.92 -9.27 33.13
CA GLY B 10 -35.14 -9.62 33.82
C GLY B 10 -34.89 -10.21 35.20
N LEU B 11 -35.98 -10.46 35.92
CA LEU B 11 -35.82 -10.87 37.32
C LEU B 11 -36.54 -12.15 37.69
N VAL B 12 -37.75 -12.39 37.20
CA VAL B 12 -38.59 -13.48 37.70
C VAL B 12 -39.42 -14.05 36.56
N GLN B 13 -39.60 -15.38 36.57
CA GLN B 13 -40.34 -16.11 35.55
C GLN B 13 -40.60 -17.55 35.98
N PRO B 14 -41.83 -18.06 35.81
CA PRO B 14 -42.05 -19.51 35.91
C PRO B 14 -41.86 -20.21 34.57
N GLY B 15 -40.81 -21.04 34.46
CA GLY B 15 -40.59 -21.82 33.26
C GLY B 15 -40.56 -20.97 32.00
N GLY B 16 -40.82 -21.61 30.86
CA GLY B 16 -40.85 -20.88 29.61
C GLY B 16 -39.50 -20.28 29.25
N SER B 17 -39.53 -19.05 28.74
CA SER B 17 -38.34 -18.40 28.23
C SER B 17 -38.23 -16.98 28.75
N ARG B 18 -37.01 -16.45 28.70
CA ARG B 18 -36.75 -15.05 29.04
C ARG B 18 -35.53 -14.57 28.28
N LYS B 19 -35.43 -13.25 28.12
CA LYS B 19 -34.36 -12.62 27.35
C LYS B 19 -33.65 -11.59 28.21
N LEU B 20 -32.32 -11.64 28.23
CA LEU B 20 -31.50 -10.69 28.97
C LEU B 20 -30.89 -9.67 28.02
N SER B 21 -30.62 -8.48 28.54
CA SER B 21 -30.07 -7.40 27.75
C SER B 21 -28.97 -6.70 28.54
N CYS B 22 -28.06 -6.04 27.81
CA CYS B 22 -27.02 -5.22 28.42
C CYS B 22 -26.92 -3.91 27.67
N SER B 23 -26.56 -2.86 28.37
CA SER B 23 -26.45 -1.51 27.80
C SER B 23 -25.03 -1.00 27.98
N ALA B 24 -24.23 -1.13 26.92
CA ALA B 24 -22.86 -0.61 26.95
C ALA B 24 -22.89 0.91 26.98
N SER B 25 -21.86 1.50 27.59
CA SER B 25 -21.84 2.95 27.79
C SER B 25 -20.40 3.46 27.70
N GLY B 26 -20.08 4.10 26.57
CA GLY B 26 -18.87 4.89 26.47
C GLY B 26 -17.56 4.15 26.59
N PHE B 27 -17.42 3.02 25.89
CA PHE B 27 -16.11 2.38 25.82
C PHE B 27 -15.83 1.77 24.44
N ALA B 28 -16.46 2.27 23.38
CA ALA B 28 -16.29 1.71 22.04
C ALA B 28 -16.69 0.24 22.00
N PHE B 29 -17.98 -0.01 22.26
CA PHE B 29 -18.49 -1.37 22.40
C PHE B 29 -18.26 -2.20 21.15
N SER B 30 -18.18 -1.56 19.98
CA SER B 30 -18.12 -2.29 18.73
C SER B 30 -16.84 -3.10 18.55
N SER B 31 -15.77 -2.75 19.27
CA SER B 31 -14.49 -3.42 19.14
C SER B 31 -14.15 -4.32 20.32
N PHE B 32 -15.15 -4.70 21.10
CA PHE B 32 -14.95 -5.53 22.30
C PHE B 32 -15.72 -6.83 22.16
N GLY B 33 -15.08 -7.93 22.57
CA GLY B 33 -15.79 -9.18 22.71
C GLY B 33 -16.42 -9.28 24.09
N MET B 34 -17.63 -9.82 24.14
CA MET B 34 -18.44 -9.78 25.35
C MET B 34 -18.82 -11.20 25.78
N HIS B 35 -18.86 -11.40 27.10
CA HIS B 35 -19.23 -12.67 27.71
C HIS B 35 -20.50 -12.50 28.53
N TRP B 36 -20.96 -13.61 29.11
CA TRP B 36 -22.19 -13.62 29.90
C TRP B 36 -22.01 -14.48 31.15
N VAL B 37 -20.88 -14.31 31.85
CA VAL B 37 -20.59 -15.12 33.02
C VAL B 37 -21.69 -14.93 34.07
N ARG B 38 -22.13 -16.05 34.65
CA ARG B 38 -23.18 -16.05 35.66
C ARG B 38 -22.65 -16.66 36.95
N GLN B 39 -23.37 -16.40 38.04
CA GLN B 39 -22.95 -16.87 39.36
C GLN B 39 -24.17 -17.35 40.15
N ALA B 40 -24.09 -18.58 40.66
CA ALA B 40 -25.18 -19.13 41.44
C ALA B 40 -25.33 -18.38 42.75
N PRO B 41 -26.50 -18.44 43.40
CA PRO B 41 -26.73 -17.65 44.62
C PRO B 41 -25.69 -17.86 45.71
N GLU B 42 -25.17 -19.07 45.86
CA GLU B 42 -24.17 -19.34 46.87
C GLU B 42 -22.92 -20.04 46.33
N LYS B 43 -22.90 -20.45 45.07
CA LYS B 43 -21.73 -21.09 44.49
C LYS B 43 -20.84 -20.05 43.81
N GLY B 44 -19.82 -20.51 43.08
CA GLY B 44 -18.95 -19.65 42.32
C GLY B 44 -19.51 -19.31 40.95
N LEU B 45 -18.76 -18.49 40.23
CA LEU B 45 -19.18 -18.05 38.91
C LEU B 45 -19.00 -19.16 37.88
N GLU B 46 -19.77 -19.06 36.80
CA GLU B 46 -19.73 -20.06 35.73
C GLU B 46 -19.96 -19.36 34.40
N TRP B 47 -19.10 -19.63 33.43
CA TRP B 47 -19.19 -19.03 32.12
C TRP B 47 -20.41 -19.56 31.38
N VAL B 48 -21.02 -18.71 30.55
CA VAL B 48 -22.26 -19.05 29.89
C VAL B 48 -22.14 -18.99 28.37
N ALA B 49 -21.79 -17.81 27.84
CA ALA B 49 -21.76 -17.62 26.40
C ALA B 49 -20.63 -16.65 26.05
N TYR B 50 -20.52 -16.33 24.77
CA TYR B 50 -19.50 -15.43 24.27
C TYR B 50 -19.81 -15.07 22.83
N ILE B 51 -19.57 -13.82 22.46
CA ILE B 51 -19.69 -13.37 21.08
C ILE B 51 -18.51 -12.46 20.78
N SER B 52 -17.89 -12.68 19.61
CA SER B 52 -16.67 -11.97 19.27
C SER B 52 -16.98 -10.58 18.73
N SER B 53 -15.93 -9.81 18.43
CA SER B 53 -16.10 -8.49 17.85
C SER B 53 -16.61 -8.61 16.42
N GLY B 54 -17.62 -7.81 16.09
CA GLY B 54 -18.24 -7.91 14.78
C GLY B 54 -19.18 -9.08 14.61
N SER B 55 -19.53 -9.76 15.70
CA SER B 55 -20.43 -10.92 15.69
C SER B 55 -19.88 -12.03 14.80
N GLY B 56 -18.65 -12.45 15.12
CA GLY B 56 -18.01 -13.52 14.39
C GLY B 56 -18.17 -14.86 15.07
N THR B 57 -17.10 -15.33 15.71
CA THR B 57 -17.17 -16.60 16.44
C THR B 57 -18.06 -16.46 17.66
N ILE B 58 -18.85 -17.50 17.92
CA ILE B 58 -19.76 -17.55 19.06
C ILE B 58 -19.54 -18.89 19.76
N TYR B 59 -19.40 -18.84 21.09
CA TYR B 59 -19.23 -20.04 21.89
C TYR B 59 -20.29 -20.08 22.99
N TYR B 60 -20.75 -21.29 23.30
CA TYR B 60 -21.75 -21.50 24.33
C TYR B 60 -21.24 -22.52 25.32
N ALA B 61 -21.78 -22.47 26.54
CA ALA B 61 -21.45 -23.47 27.55
C ALA B 61 -22.05 -24.82 27.17
N ASP B 62 -21.41 -25.88 27.66
CA ASP B 62 -21.87 -27.22 27.34
C ASP B 62 -23.26 -27.51 27.90
N THR B 63 -23.59 -26.91 29.04
CA THR B 63 -24.88 -27.14 29.69
C THR B 63 -25.99 -26.23 29.17
N VAL B 64 -25.66 -25.24 28.34
CA VAL B 64 -26.67 -24.33 27.81
C VAL B 64 -26.50 -24.20 26.30
N LYS B 65 -25.94 -25.23 25.68
CA LYS B 65 -25.54 -25.14 24.27
C LYS B 65 -26.72 -24.85 23.36
N GLY B 66 -27.84 -25.54 23.57
CA GLY B 66 -28.97 -25.42 22.68
C GLY B 66 -30.06 -24.47 23.14
N ARG B 67 -30.22 -24.34 24.45
CA ARG B 67 -31.29 -23.51 24.99
C ARG B 67 -30.98 -22.02 24.91
N PHE B 68 -29.72 -21.64 25.05
CA PHE B 68 -29.34 -20.24 25.13
C PHE B 68 -28.95 -19.70 23.76
N THR B 69 -29.00 -18.37 23.63
CA THR B 69 -28.61 -17.69 22.41
C THR B 69 -28.10 -16.30 22.75
N ILE B 70 -26.91 -15.97 22.26
CA ILE B 70 -26.27 -14.69 22.53
C ILE B 70 -26.11 -13.93 21.22
N SER B 71 -26.52 -12.67 21.20
CA SER B 71 -26.39 -11.82 20.03
C SER B 71 -26.16 -10.39 20.47
N ARG B 72 -25.56 -9.61 19.59
CA ARG B 72 -25.19 -8.23 19.88
C ARG B 72 -25.67 -7.33 18.76
N ASP B 73 -25.88 -6.06 19.10
CA ASP B 73 -26.22 -5.02 18.13
C ASP B 73 -25.26 -3.86 18.36
N ASP B 74 -24.28 -3.71 17.47
CA ASP B 74 -23.29 -2.64 17.64
C ASP B 74 -23.93 -1.25 17.60
N PRO B 75 -24.85 -0.92 16.70
CA PRO B 75 -25.66 0.28 16.91
C PRO B 75 -26.42 0.18 18.23
N LYS B 76 -26.49 1.31 18.93
CA LYS B 76 -27.19 1.45 20.21
C LYS B 76 -26.45 0.74 21.35
N ASN B 77 -25.40 0.00 21.03
CA ASN B 77 -24.50 -0.60 22.01
C ASN B 77 -25.25 -1.45 23.02
N THR B 78 -25.84 -2.54 22.52
CA THR B 78 -26.63 -3.43 23.36
C THR B 78 -26.24 -4.88 23.10
N LEU B 79 -26.07 -5.64 24.18
CA LEU B 79 -25.77 -7.06 24.12
C LEU B 79 -26.94 -7.87 24.67
N PHE B 80 -27.31 -8.93 23.96
CA PHE B 80 -28.48 -9.72 24.30
C PHE B 80 -28.08 -11.11 24.76
N LEU B 81 -29.01 -11.77 25.45
CA LEU B 81 -28.90 -13.19 25.78
C LEU B 81 -30.31 -13.78 25.77
N GLN B 82 -30.58 -14.65 24.82
CA GLN B 82 -31.89 -15.27 24.70
C GLN B 82 -31.84 -16.69 25.24
N MET B 83 -32.73 -16.99 26.19
CA MET B 83 -32.84 -18.31 26.79
C MET B 83 -34.22 -18.87 26.51
N THR B 84 -34.28 -20.07 25.94
CA THR B 84 -35.55 -20.65 25.50
C THR B 84 -36.15 -21.58 26.55
N SER B 85 -35.42 -22.62 26.93
CA SER B 85 -35.88 -23.57 27.94
C SER B 85 -35.10 -23.31 29.22
N LEU B 86 -35.77 -22.80 30.25
CA LEU B 86 -35.12 -22.37 31.48
C LEU B 86 -35.46 -23.38 32.58
N ARG B 87 -34.50 -24.26 32.88
CA ARG B 87 -34.68 -25.27 33.91
C ARG B 87 -34.44 -24.69 35.30
N SER B 88 -34.38 -25.53 36.31
CA SER B 88 -34.15 -25.11 37.68
C SER B 88 -32.70 -24.74 37.95
N GLU B 89 -31.74 -25.38 37.28
CA GLU B 89 -30.34 -25.04 37.46
C GLU B 89 -30.04 -23.62 37.04
N ASP B 90 -30.77 -23.11 36.04
CA ASP B 90 -30.56 -21.75 35.53
C ASP B 90 -31.20 -20.72 36.44
N THR B 91 -30.70 -20.66 37.67
CA THR B 91 -31.09 -19.65 38.65
C THR B 91 -29.81 -19.03 39.18
N ALA B 92 -29.43 -17.88 38.63
CA ALA B 92 -28.13 -17.28 38.95
C ALA B 92 -28.18 -15.81 38.62
N MET B 93 -27.22 -15.06 39.18
CA MET B 93 -27.03 -13.67 38.84
C MET B 93 -26.12 -13.58 37.62
N TYR B 94 -26.64 -13.06 36.51
CA TYR B 94 -25.93 -13.03 35.25
C TYR B 94 -25.15 -11.74 35.10
N TYR B 95 -23.84 -11.86 34.89
CA TYR B 95 -22.96 -10.72 34.74
C TYR B 95 -22.60 -10.54 33.28
N CYS B 96 -22.29 -9.30 32.91
CA CYS B 96 -21.86 -8.96 31.56
C CYS B 96 -20.41 -8.47 31.61
N VAL B 97 -19.54 -9.15 30.84
CA VAL B 97 -18.11 -8.92 30.91
C VAL B 97 -17.61 -8.56 29.52
N ARG B 98 -16.78 -7.51 29.45
CA ARG B 98 -16.12 -7.11 28.22
C ARG B 98 -14.71 -7.66 28.17
N SER B 99 -14.18 -7.81 26.96
CA SER B 99 -12.82 -8.29 26.78
C SER B 99 -12.37 -7.97 25.36
N ILE B 100 -11.16 -7.45 25.24
CA ILE B 100 -10.58 -7.09 23.95
C ILE B 100 -9.28 -7.89 23.78
N TYR B 101 -9.03 -8.33 22.56
CA TYR B 101 -7.92 -9.25 22.27
C TYR B 101 -7.02 -8.65 21.19
N TYR B 102 -5.87 -8.15 21.62
CA TYR B 102 -4.73 -7.88 20.73
C TYR B 102 -3.49 -8.30 21.50
N TYR B 103 -2.32 -7.86 21.04
CA TYR B 103 -1.06 -8.41 21.54
C TYR B 103 -0.94 -8.24 23.05
N GLY B 104 -1.12 -7.02 23.56
CA GLY B 104 -0.90 -6.77 24.96
C GLY B 104 -2.12 -6.33 25.74
N SER B 105 -3.30 -6.75 25.29
CA SER B 105 -4.53 -6.34 25.93
C SER B 105 -4.77 -7.11 27.22
N SER B 106 -5.74 -6.64 28.00
CA SER B 106 -6.13 -7.26 29.27
C SER B 106 -7.60 -7.65 29.17
N PRO B 107 -7.89 -8.90 28.82
CA PRO B 107 -9.30 -9.33 28.74
C PRO B 107 -9.94 -9.42 30.12
N PHE B 108 -11.27 -9.42 30.11
CA PHE B 108 -12.09 -9.53 31.32
C PHE B 108 -11.82 -8.38 32.29
N ASP B 109 -11.47 -7.21 31.77
CA ASP B 109 -11.06 -6.11 32.62
C ASP B 109 -12.24 -5.46 33.34
N PHE B 110 -13.37 -5.33 32.67
CA PHE B 110 -14.54 -4.68 33.24
C PHE B 110 -15.71 -5.65 33.31
N TRP B 111 -16.43 -5.62 34.43
CA TRP B 111 -17.57 -6.48 34.68
C TRP B 111 -18.81 -5.64 34.93
N GLY B 112 -19.94 -6.08 34.41
CA GLY B 112 -21.17 -5.36 34.61
C GLY B 112 -21.75 -5.54 36.00
N GLN B 113 -22.79 -4.75 36.28
CA GLN B 113 -23.45 -4.84 37.59
C GLN B 113 -24.14 -6.18 37.79
N GLY B 114 -24.83 -6.67 36.77
CA GLY B 114 -25.45 -7.98 36.85
C GLY B 114 -26.87 -7.93 37.38
N THR B 115 -27.68 -8.89 36.91
CA THR B 115 -29.07 -9.02 37.33
C THR B 115 -29.34 -10.46 37.72
N THR B 116 -30.26 -10.65 38.66
CA THR B 116 -30.62 -11.95 39.17
C THR B 116 -31.83 -12.51 38.43
N LEU B 117 -31.93 -13.83 38.41
CA LEU B 117 -33.04 -14.51 37.75
C LEU B 117 -33.34 -15.80 38.50
N THR B 118 -34.63 -16.07 38.70
CA THR B 118 -35.08 -17.24 39.43
C THR B 118 -36.22 -17.93 38.69
N VAL B 119 -36.38 -19.21 38.94
CA VAL B 119 -37.44 -20.00 38.31
C VAL B 119 -38.48 -20.50 39.30
N SER B 120 -38.23 -20.39 40.60
CA SER B 120 -39.13 -20.88 41.64
C SER B 120 -39.46 -22.36 41.45
N SER B 136 -11.64 -33.00 26.95
CA SER B 136 -12.73 -32.51 27.79
C SER B 136 -12.44 -31.09 28.26
N ASP B 137 -13.02 -30.72 29.40
CA ASP B 137 -12.81 -29.40 29.97
C ASP B 137 -11.68 -29.44 30.99
N ILE B 138 -11.19 -28.26 31.35
CA ILE B 138 -10.14 -28.10 32.35
C ILE B 138 -10.79 -27.72 33.67
N VAL B 139 -10.49 -28.49 34.72
CA VAL B 139 -11.05 -28.27 36.04
C VAL B 139 -10.02 -27.53 36.88
N MET B 140 -10.43 -26.44 37.51
CA MET B 140 -9.58 -25.64 38.37
C MET B 140 -9.95 -25.94 39.82
N THR B 141 -9.00 -26.48 40.59
CA THR B 141 -9.34 -27.04 41.89
C THR B 141 -9.55 -25.95 42.94
N GLN B 142 -8.51 -25.19 43.25
CA GLN B 142 -8.55 -24.16 44.29
C GLN B 142 -9.04 -24.75 45.61
N ALA B 143 -8.20 -25.66 46.14
CA ALA B 143 -8.60 -26.51 47.27
C ALA B 143 -8.97 -25.69 48.50
N THR B 144 -8.17 -24.67 48.81
CA THR B 144 -8.44 -23.85 49.98
C THR B 144 -9.75 -23.08 49.79
N SER B 145 -10.46 -22.87 50.89
CA SER B 145 -11.76 -22.23 50.86
C SER B 145 -11.86 -21.00 51.76
N SER B 146 -11.27 -21.05 52.96
CA SER B 146 -11.36 -19.94 53.89
C SER B 146 -10.08 -19.83 54.69
N VAL B 147 -9.68 -18.60 54.99
CA VAL B 147 -8.47 -18.31 55.75
C VAL B 147 -8.76 -17.22 56.76
N PRO B 148 -7.94 -17.13 57.82
CA PRO B 148 -8.14 -16.05 58.80
C PRO B 148 -8.05 -14.68 58.17
N VAL B 149 -8.86 -13.76 58.69
CA VAL B 149 -9.05 -12.44 58.11
C VAL B 149 -8.15 -11.39 58.78
N THR B 150 -7.14 -11.82 59.52
CA THR B 150 -6.26 -10.89 60.23
C THR B 150 -5.55 -9.98 59.23
N PRO B 151 -5.66 -8.66 59.37
CA PRO B 151 -5.06 -7.75 58.40
C PRO B 151 -3.61 -7.45 58.72
N GLY B 152 -2.93 -6.86 57.74
CA GLY B 152 -1.55 -6.48 57.86
C GLY B 152 -0.55 -7.58 57.60
N GLU B 153 -1.01 -8.80 57.33
CA GLU B 153 -0.12 -9.92 57.08
C GLU B 153 0.07 -10.12 55.58
N SER B 154 0.74 -11.19 55.21
CA SER B 154 1.02 -11.52 53.81
C SER B 154 0.26 -12.81 53.48
N VAL B 155 -0.96 -12.67 53.00
CA VAL B 155 -1.80 -13.81 52.66
C VAL B 155 -1.45 -14.27 51.25
N SER B 156 -1.33 -15.60 51.09
CA SER B 156 -1.08 -16.20 49.79
C SER B 156 -2.22 -17.17 49.47
N ILE B 157 -2.73 -17.10 48.25
CA ILE B 157 -3.85 -17.92 47.79
C ILE B 157 -3.31 -18.91 46.77
N SER B 158 -3.54 -20.19 47.00
CA SER B 158 -3.04 -21.25 46.13
C SER B 158 -4.14 -21.71 45.17
N CYS B 159 -3.72 -22.26 44.04
CA CYS B 159 -4.64 -22.77 43.04
C CYS B 159 -3.93 -23.79 42.17
N ARG B 160 -4.71 -24.62 41.50
CA ARG B 160 -4.16 -25.68 40.66
C ARG B 160 -5.08 -25.90 39.47
N SER B 161 -4.52 -26.49 38.42
CA SER B 161 -5.23 -26.75 37.18
C SER B 161 -5.03 -28.20 36.76
N SER B 162 -5.98 -28.71 35.96
CA SER B 162 -5.90 -30.09 35.50
C SER B 162 -4.69 -30.30 34.61
N LYS B 163 -4.42 -29.36 33.71
CA LYS B 163 -3.31 -29.47 32.78
C LYS B 163 -2.53 -28.16 32.74
N SER B 164 -1.26 -28.26 32.36
CA SER B 164 -0.38 -27.09 32.31
C SER B 164 -0.87 -26.14 31.22
N LEU B 165 -1.36 -24.98 31.62
CA LEU B 165 -1.88 -23.99 30.69
C LEU B 165 -0.81 -22.98 30.25
N LEU B 166 0.33 -23.51 29.84
CA LEU B 166 1.43 -22.71 29.29
C LEU B 166 1.51 -23.01 27.80
N HIS B 167 1.10 -22.05 26.98
CA HIS B 167 1.13 -22.25 25.54
C HIS B 167 2.54 -22.04 24.99
N SER B 168 2.71 -22.42 23.73
CA SER B 168 4.04 -22.37 23.11
C SER B 168 4.54 -20.94 22.94
N ASN B 169 3.63 -19.98 22.77
CA ASN B 169 4.06 -18.59 22.61
C ASN B 169 4.69 -18.02 23.87
N GLY B 170 4.45 -18.63 25.02
CA GLY B 170 5.17 -18.29 26.24
C GLY B 170 4.38 -17.64 27.36
N ASN B 171 3.06 -17.54 27.23
CA ASN B 171 2.24 -16.92 28.27
C ASN B 171 1.25 -17.94 28.82
N THR B 172 1.05 -17.90 30.15
CA THR B 172 0.13 -18.79 30.83
C THR B 172 -1.19 -18.07 31.04
N TYR B 173 -2.28 -18.65 30.52
CA TYR B 173 -3.58 -18.01 30.53
C TYR B 173 -4.31 -18.34 31.83
N LEU B 174 -3.92 -17.64 32.90
CA LEU B 174 -4.61 -17.71 34.17
C LEU B 174 -4.96 -16.29 34.62
N TYR B 175 -6.21 -16.08 35.01
CA TYR B 175 -6.72 -14.78 35.39
C TYR B 175 -7.19 -14.82 36.83
N TRP B 176 -7.00 -13.73 37.56
CA TRP B 176 -7.38 -13.63 38.96
C TRP B 176 -8.48 -12.58 39.11
N PHE B 177 -9.57 -12.96 39.77
CA PHE B 177 -10.70 -12.08 40.02
C PHE B 177 -10.98 -11.99 41.51
N LEU B 178 -11.32 -10.79 41.96
CA LEU B 178 -11.69 -10.53 43.34
C LEU B 178 -13.13 -10.05 43.37
N GLN B 179 -13.97 -10.72 44.16
CA GLN B 179 -15.38 -10.35 44.32
C GLN B 179 -15.56 -9.82 45.74
N ARG B 180 -15.54 -8.50 45.88
CA ARG B 180 -15.83 -7.89 47.15
C ARG B 180 -17.30 -8.12 47.52
N PRO B 181 -17.61 -8.26 48.81
CA PRO B 181 -18.99 -8.61 49.19
C PRO B 181 -19.98 -7.51 48.87
N GLY B 182 -20.87 -7.77 47.91
CA GLY B 182 -21.92 -6.84 47.55
C GLY B 182 -21.77 -6.19 46.19
N GLN B 183 -20.76 -6.56 45.41
CA GLN B 183 -20.53 -5.94 44.10
C GLN B 183 -20.01 -6.99 43.13
N SER B 184 -19.81 -6.57 41.88
CA SER B 184 -19.35 -7.43 40.81
C SER B 184 -17.86 -7.76 40.95
N PRO B 185 -17.41 -8.85 40.35
CA PRO B 185 -15.98 -9.18 40.41
C PRO B 185 -15.13 -8.14 39.70
N GLN B 186 -13.89 -8.00 40.18
CA GLN B 186 -12.93 -7.05 39.64
C GLN B 186 -11.66 -7.80 39.27
N LEU B 187 -11.17 -7.57 38.06
CA LEU B 187 -9.95 -8.23 37.61
C LEU B 187 -8.74 -7.63 38.32
N LEU B 188 -7.89 -8.50 38.85
CA LEU B 188 -6.63 -8.09 39.47
C LEU B 188 -5.42 -8.38 38.59
N ILE B 189 -5.27 -9.64 38.16
CA ILE B 189 -4.11 -10.08 37.40
C ILE B 189 -4.58 -10.86 36.20
N TYR B 190 -4.05 -10.52 35.02
CA TYR B 190 -4.34 -11.24 33.79
C TYR B 190 -3.07 -11.91 33.29
N ARG B 191 -3.22 -13.14 32.79
CA ARG B 191 -2.11 -13.96 32.32
C ARG B 191 -1.11 -14.27 33.43
N MET B 192 -1.59 -14.26 34.68
CA MET B 192 -0.90 -14.82 35.84
C MET B 192 0.30 -14.00 36.31
N SER B 193 0.72 -13.01 35.54
CA SER B 193 1.88 -12.22 35.95
C SER B 193 1.63 -10.72 35.83
N ASN B 194 0.73 -10.33 34.92
CA ASN B 194 0.52 -8.93 34.61
C ASN B 194 -0.57 -8.34 35.48
N LEU B 195 -0.30 -7.19 36.06
CA LEU B 195 -1.25 -6.49 36.91
C LEU B 195 -2.20 -5.66 36.06
N ALA B 196 -3.46 -5.59 36.49
CA ALA B 196 -4.47 -4.85 35.75
C ALA B 196 -4.35 -3.35 36.04
N SER B 197 -5.16 -2.58 35.32
CA SER B 197 -5.16 -1.13 35.52
C SER B 197 -5.99 -0.76 36.74
N GLY B 198 -5.45 0.14 37.56
CA GLY B 198 -6.11 0.59 38.76
C GLY B 198 -5.92 -0.30 39.97
N VAL B 199 -5.21 -1.42 39.82
CA VAL B 199 -4.98 -2.34 40.93
C VAL B 199 -3.72 -1.92 41.68
N PRO B 200 -3.75 -1.84 43.00
CA PRO B 200 -2.55 -1.47 43.74
C PRO B 200 -1.45 -2.52 43.60
N ASP B 201 -0.21 -2.07 43.73
CA ASP B 201 0.96 -2.91 43.52
C ASP B 201 1.13 -4.00 44.57
N ARG B 202 0.28 -4.05 45.61
CA ARG B 202 0.41 -5.09 46.61
C ARG B 202 0.18 -6.48 46.02
N PHE B 203 -0.82 -6.61 45.14
CA PHE B 203 -1.15 -7.90 44.56
C PHE B 203 -0.07 -8.33 43.58
N SER B 204 0.37 -9.59 43.70
CA SER B 204 1.35 -10.16 42.79
C SER B 204 1.01 -11.62 42.54
N GLY B 205 1.36 -12.10 41.35
CA GLY B 205 1.02 -13.46 40.98
C GLY B 205 2.14 -14.22 40.31
N SER B 206 2.37 -15.45 40.75
CA SER B 206 3.39 -16.31 40.18
C SER B 206 2.84 -17.72 40.03
N GLY B 207 3.40 -18.47 39.10
CA GLY B 207 2.95 -19.82 38.84
C GLY B 207 3.97 -20.61 38.06
N SER B 208 3.69 -21.91 37.94
CA SER B 208 4.58 -22.84 37.24
C SER B 208 3.88 -23.52 36.07
N GLY B 209 2.73 -22.99 35.63
CA GLY B 209 1.99 -23.59 34.55
C GLY B 209 0.84 -24.46 35.02
N THR B 210 1.07 -25.20 36.09
CA THR B 210 0.06 -26.08 36.67
C THR B 210 -0.43 -25.61 38.03
N ALA B 211 0.47 -25.12 38.88
CA ALA B 211 0.12 -24.60 40.20
C ALA B 211 0.44 -23.12 40.26
N PHE B 212 -0.50 -22.32 40.76
CA PHE B 212 -0.37 -20.88 40.78
C PHE B 212 -0.63 -20.36 42.19
N THR B 213 -0.11 -19.16 42.45
CA THR B 213 -0.35 -18.50 43.73
C THR B 213 -0.55 -17.01 43.49
N LEU B 214 -1.36 -16.38 44.34
CA LEU B 214 -1.58 -14.94 44.32
C LEU B 214 -1.16 -14.38 45.67
N THR B 215 -0.26 -13.40 45.64
CA THR B 215 0.35 -12.87 46.86
C THR B 215 -0.13 -11.45 47.12
N ILE B 216 -0.52 -11.19 48.36
CA ILE B 216 -0.88 -9.86 48.82
C ILE B 216 0.10 -9.48 49.92
N SER B 217 0.80 -8.36 49.73
CA SER B 217 1.85 -7.97 50.67
C SER B 217 1.26 -7.49 51.98
N ARG B 218 0.47 -6.41 51.94
CA ARG B 218 -0.15 -5.85 53.13
C ARG B 218 -1.66 -5.82 52.92
N LEU B 219 -2.38 -6.57 53.74
CA LEU B 219 -3.83 -6.62 53.65
C LEU B 219 -4.45 -5.29 54.05
N GLU B 220 -5.52 -4.92 53.37
CA GLU B 220 -6.28 -3.70 53.65
C GLU B 220 -7.72 -4.06 53.96
N ALA B 221 -8.51 -3.05 54.32
CA ALA B 221 -9.90 -3.26 54.65
C ALA B 221 -10.74 -3.62 53.43
N GLU B 222 -10.32 -3.21 52.24
CA GLU B 222 -11.06 -3.47 51.01
C GLU B 222 -10.61 -4.74 50.29
N ASP B 223 -9.66 -5.48 50.86
CA ASP B 223 -9.17 -6.71 50.24
C ASP B 223 -9.98 -7.93 50.63
N VAL B 224 -10.96 -7.78 51.51
CA VAL B 224 -11.77 -8.92 51.94
C VAL B 224 -12.75 -9.30 50.84
N GLY B 225 -12.93 -10.59 50.65
CA GLY B 225 -13.84 -11.09 49.63
C GLY B 225 -13.38 -12.45 49.14
N VAL B 226 -14.10 -12.94 48.13
CA VAL B 226 -13.82 -14.24 47.53
C VAL B 226 -12.97 -14.04 46.29
N TYR B 227 -11.86 -14.77 46.21
CA TYR B 227 -10.91 -14.64 45.10
C TYR B 227 -11.08 -15.84 44.19
N TYR B 228 -11.45 -15.57 42.94
CA TYR B 228 -11.67 -16.62 41.95
C TYR B 228 -10.53 -16.64 40.94
N CYS B 229 -10.40 -17.77 40.25
CA CYS B 229 -9.41 -17.95 39.21
C CYS B 229 -10.10 -18.43 37.93
N MET B 230 -9.53 -18.06 36.80
CA MET B 230 -10.10 -18.41 35.51
C MET B 230 -8.96 -18.82 34.58
N GLN B 231 -9.31 -19.59 33.55
CA GLN B 231 -8.35 -20.01 32.54
C GLN B 231 -8.85 -19.59 31.16
N HIS B 232 -7.91 -19.46 30.22
CA HIS B 232 -8.27 -19.03 28.87
C HIS B 232 -7.52 -19.82 27.80
N LEU B 233 -7.03 -21.02 28.13
CA LEU B 233 -6.31 -21.83 27.15
C LEU B 233 -7.27 -22.50 26.18
N GLU B 234 -8.15 -23.36 26.68
CA GLU B 234 -9.22 -23.95 25.90
C GLU B 234 -10.52 -23.23 26.26
N TYR B 235 -11.33 -22.96 25.25
CA TYR B 235 -12.40 -21.99 25.45
C TYR B 235 -13.51 -22.43 26.40
N PRO B 236 -13.81 -23.73 26.54
CA PRO B 236 -14.75 -24.10 27.62
C PRO B 236 -14.14 -23.82 28.97
N LEU B 237 -14.12 -22.53 29.34
CA LEU B 237 -13.35 -22.06 30.48
C LEU B 237 -14.16 -22.12 31.76
N THR B 238 -13.49 -22.49 32.84
CA THR B 238 -14.13 -22.73 34.13
C THR B 238 -13.42 -21.95 35.22
N PHE B 239 -14.14 -21.73 36.32
CA PHE B 239 -13.64 -21.01 37.47
C PHE B 239 -13.22 -22.01 38.56
N GLY B 240 -12.88 -21.49 39.74
CA GLY B 240 -12.33 -22.34 40.78
C GLY B 240 -13.04 -22.30 42.11
N ALA B 241 -14.31 -21.88 42.12
CA ALA B 241 -15.19 -21.85 43.28
C ALA B 241 -14.78 -20.83 44.34
N GLY B 242 -13.66 -20.13 44.15
CA GLY B 242 -13.31 -19.03 45.02
C GLY B 242 -12.61 -19.45 46.29
N THR B 243 -12.09 -18.43 47.00
CA THR B 243 -11.40 -18.62 48.27
C THR B 243 -11.72 -17.40 49.14
N LYS B 244 -12.74 -17.53 49.99
CA LYS B 244 -13.17 -16.42 50.81
C LYS B 244 -12.13 -16.07 51.85
N LEU B 245 -12.10 -14.79 52.24
CA LEU B 245 -11.18 -14.32 53.27
C LEU B 245 -11.88 -14.31 54.63
N SER C 18 31.61 50.44 8.53
CA SER C 18 31.72 49.20 7.77
C SER C 18 32.02 48.02 8.68
N GLU C 19 31.25 47.91 9.77
CA GLU C 19 31.45 46.82 10.72
C GLU C 19 31.05 45.47 10.13
N LEU C 20 30.17 45.45 9.13
CA LEU C 20 29.76 44.19 8.52
C LEU C 20 30.95 43.49 7.85
N ASP C 21 31.78 44.24 7.14
CA ASP C 21 32.97 43.66 6.54
C ASP C 21 33.95 43.17 7.60
N GLN C 22 34.12 43.95 8.66
CA GLN C 22 35.04 43.55 9.73
C GLN C 22 34.57 42.27 10.42
N LEU C 23 33.27 42.14 10.65
CA LEU C 23 32.74 40.93 11.25
C LEU C 23 32.96 39.72 10.34
N ARG C 24 32.75 39.91 9.04
CA ARG C 24 32.95 38.81 8.09
C ARG C 24 34.42 38.38 8.05
N GLN C 25 35.34 39.34 8.09
CA GLN C 25 36.76 39.02 8.10
C GLN C 25 37.13 38.24 9.35
N GLU C 26 36.59 38.66 10.50
CA GLU C 26 36.84 37.92 11.75
C GLU C 26 36.23 36.52 11.68
N ALA C 27 35.05 36.39 11.09
CA ALA C 27 34.42 35.09 10.96
C ALA C 27 35.26 34.15 10.08
N GLU C 28 35.80 34.67 8.98
CA GLU C 28 36.66 33.87 8.12
C GLU C 28 37.92 33.44 8.85
N GLN C 29 38.53 34.36 9.61
CA GLN C 29 39.71 33.99 10.41
C GLN C 29 39.36 32.98 11.49
N LEU C 30 38.21 33.17 12.15
CA LEU C 30 37.79 32.22 13.18
C LEU C 30 37.48 30.86 12.58
N LYS C 31 36.85 30.83 11.41
CA LYS C 31 36.56 29.56 10.76
C LYS C 31 37.85 28.84 10.37
N ASN C 32 38.84 29.58 9.89
CA ASN C 32 40.12 28.96 9.54
C ASN C 32 40.82 28.39 10.76
N GLN C 33 40.61 29.00 11.94
CA GLN C 33 41.18 28.45 13.17
C GLN C 33 40.61 27.08 13.47
N ILE C 34 39.29 26.90 13.27
CA ILE C 34 38.67 25.61 13.51
C ILE C 34 39.23 24.56 12.56
N ARG C 35 39.37 24.90 11.28
CA ARG C 35 39.92 23.97 10.31
C ARG C 35 41.35 23.58 10.65
N ASP C 36 42.16 24.56 11.08
CA ASP C 36 43.52 24.26 11.51
C ASP C 36 43.52 23.38 12.76
N ALA C 37 42.65 23.68 13.72
CA ALA C 37 42.57 22.87 14.93
C ALA C 37 42.10 21.46 14.62
N ARG C 38 41.12 21.32 13.72
CA ARG C 38 40.63 19.99 13.36
C ARG C 38 41.72 19.18 12.67
N LYS C 39 42.50 19.82 11.80
CA LYS C 39 43.56 19.11 11.10
C LYS C 39 44.71 18.73 12.04
N ALA C 40 44.93 19.52 13.09
CA ALA C 40 46.01 19.22 14.02
C ALA C 40 45.78 17.90 14.75
N CYS C 41 44.54 17.63 15.15
CA CYS C 41 44.23 16.43 15.91
C CYS C 41 44.05 15.19 15.03
N ALA C 42 44.04 15.35 13.71
CA ALA C 42 43.87 14.22 12.80
C ALA C 42 45.20 13.46 12.71
N ASP C 43 45.48 12.69 13.77
CA ASP C 43 46.73 11.94 13.83
C ASP C 43 46.80 10.88 12.76
N ALA C 44 45.71 10.16 12.54
CA ALA C 44 45.66 9.08 11.56
C ALA C 44 44.26 9.01 10.97
N THR C 45 43.98 7.94 10.24
CA THR C 45 42.69 7.72 9.62
C THR C 45 42.03 6.48 10.20
N LEU C 46 40.69 6.45 10.12
CA LEU C 46 39.96 5.29 10.61
C LEU C 46 40.32 4.04 9.83
N SER C 47 40.52 4.19 8.51
CA SER C 47 40.88 3.04 7.68
C SER C 47 42.22 2.45 8.11
N GLN C 48 43.19 3.31 8.43
CA GLN C 48 44.49 2.82 8.88
C GLN C 48 44.38 2.08 10.21
N ILE C 49 43.58 2.62 11.13
CA ILE C 49 43.45 2.00 12.46
C ILE C 49 42.79 0.64 12.36
N THR C 50 41.72 0.53 11.56
CA THR C 50 40.99 -0.72 11.40
C THR C 50 41.43 -1.50 10.17
N ASN C 51 42.69 -1.35 9.75
CA ASN C 51 43.20 -2.15 8.64
C ASN C 51 43.53 -3.57 9.07
N ASN C 52 43.94 -3.77 10.32
CA ASN C 52 44.36 -5.10 10.77
C ASN C 52 43.18 -6.01 11.05
N ILE C 53 42.00 -5.45 11.33
CA ILE C 53 40.86 -6.27 11.71
C ILE C 53 40.39 -7.10 10.52
N ASP C 54 39.72 -8.21 10.80
CA ASP C 54 39.22 -9.11 9.77
C ASP C 54 37.85 -8.63 9.27
N PRO C 55 37.60 -8.73 7.96
CA PRO C 55 36.30 -8.31 7.44
C PRO C 55 35.17 -9.21 7.93
N VAL C 56 33.97 -8.64 7.98
CA VAL C 56 32.81 -9.41 8.40
C VAL C 56 32.41 -10.44 7.35
N GLY C 57 32.91 -10.32 6.13
CA GLY C 57 32.55 -11.23 5.07
C GLY C 57 31.20 -10.89 4.47
N ARG C 58 30.78 -11.71 3.51
CA ARG C 58 29.49 -11.52 2.88
C ARG C 58 28.38 -11.78 3.89
N ILE C 59 27.40 -10.88 3.94
CA ILE C 59 26.28 -10.98 4.86
C ILE C 59 25.01 -11.11 4.03
N GLN C 60 24.27 -12.19 4.27
CA GLN C 60 23.06 -12.50 3.55
C GLN C 60 21.87 -12.45 4.50
N MET C 61 20.82 -11.74 4.11
CA MET C 61 19.61 -11.62 4.90
C MET C 61 18.42 -12.00 4.05
N ARG C 62 17.49 -12.73 4.64
CA ARG C 62 16.29 -13.19 3.95
C ARG C 62 15.06 -12.50 4.54
N THR C 63 14.06 -12.28 3.70
CA THR C 63 12.82 -11.64 4.12
C THR C 63 12.04 -12.63 4.99
N ARG C 64 12.15 -12.48 6.30
CA ARG C 64 11.45 -13.37 7.23
C ARG C 64 9.97 -13.04 7.34
N ARG C 65 9.55 -11.84 6.94
CA ARG C 65 8.15 -11.47 7.01
C ARG C 65 7.89 -10.33 6.05
N THR C 66 6.64 -10.22 5.60
CA THR C 66 6.22 -9.13 4.73
C THR C 66 4.88 -8.62 5.21
N LEU C 67 4.82 -7.36 5.60
CA LEU C 67 3.62 -6.76 6.17
C LEU C 67 2.86 -6.02 5.07
N ARG C 68 1.64 -6.45 4.81
CA ARG C 68 0.80 -5.88 3.76
C ARG C 68 -0.42 -5.21 4.38
N GLY C 69 -0.89 -4.17 3.70
CA GLY C 69 -2.04 -3.44 4.18
C GLY C 69 -1.98 -1.95 3.90
N HIS C 70 -0.78 -1.44 3.63
CA HIS C 70 -0.63 -0.06 3.22
C HIS C 70 -0.90 0.07 1.73
N LEU C 71 -1.67 1.09 1.35
CA LEU C 71 -2.07 1.30 -0.03
C LEU C 71 -1.47 2.58 -0.62
N ALA C 72 -0.29 2.97 -0.13
CA ALA C 72 0.41 4.14 -0.65
C ALA C 72 1.87 4.03 -0.22
N LYS C 73 2.67 5.00 -0.63
CA LYS C 73 4.08 4.97 -0.31
C LYS C 73 4.33 5.11 1.16
N ILE C 74 5.19 4.27 1.68
CA ILE C 74 5.51 4.30 3.10
C ILE C 74 6.69 5.25 3.30
N TYR C 75 6.51 6.24 4.18
CA TYR C 75 7.50 7.28 4.38
C TYR C 75 8.27 7.18 5.69
N ALA C 76 7.74 6.47 6.68
CA ALA C 76 8.45 6.37 7.96
C ALA C 76 7.98 5.12 8.69
N MET C 77 8.83 4.68 9.62
CA MET C 77 8.53 3.60 10.53
C MET C 77 9.38 3.74 11.78
N HIS C 78 8.96 3.09 12.85
CA HIS C 78 9.72 3.10 14.08
C HIS C 78 9.41 1.84 14.88
N TRP C 79 10.43 1.31 15.55
CA TRP C 79 10.28 0.11 16.35
C TRP C 79 9.87 0.46 17.78
N GLY C 80 9.12 -0.45 18.41
CA GLY C 80 8.88 -0.33 19.82
C GLY C 80 10.09 -0.76 20.63
N THR C 81 10.08 -0.40 21.91
CA THR C 81 11.20 -0.76 22.77
C THR C 81 11.25 -2.26 23.04
N ASP C 82 10.12 -2.95 22.84
CA ASP C 82 10.06 -4.39 23.06
C ASP C 82 10.61 -5.20 21.88
N SER C 83 10.98 -4.54 20.79
CA SER C 83 11.50 -5.19 19.58
C SER C 83 10.48 -6.16 18.97
N ARG C 84 9.21 -5.91 19.23
CA ARG C 84 8.13 -6.74 18.71
C ARG C 84 7.08 -5.93 17.98
N LEU C 85 6.73 -4.75 18.46
CA LEU C 85 5.74 -3.89 17.84
C LEU C 85 6.43 -2.77 17.07
N LEU C 86 5.83 -2.39 15.95
CA LEU C 86 6.32 -1.28 15.16
C LEU C 86 5.14 -0.50 14.58
N VAL C 87 5.37 0.78 14.32
CA VAL C 87 4.39 1.67 13.73
C VAL C 87 4.93 2.17 12.41
N SER C 88 4.08 2.23 11.40
CA SER C 88 4.47 2.68 10.07
C SER C 88 3.49 3.73 9.57
N ALA C 89 4.00 4.65 8.76
CA ALA C 89 3.21 5.73 8.19
C ALA C 89 3.17 5.60 6.68
N SER C 90 2.08 6.07 6.09
CA SER C 90 1.90 6.03 4.65
C SER C 90 1.01 7.18 4.24
N GLN C 91 1.05 7.51 2.94
CA GLN C 91 0.30 8.65 2.42
C GLN C 91 -1.15 8.33 2.15
N ASP C 92 -1.60 7.12 2.46
CA ASP C 92 -3.03 6.83 2.44
C ASP C 92 -3.75 7.37 3.67
N GLY C 93 -3.00 7.93 4.62
CA GLY C 93 -3.60 8.52 5.80
C GLY C 93 -3.76 7.58 6.98
N LYS C 94 -3.01 6.49 7.02
CA LYS C 94 -3.18 5.47 8.05
C LYS C 94 -1.89 5.29 8.82
N LEU C 95 -2.02 5.12 10.13
CA LEU C 95 -0.91 4.79 11.02
C LEU C 95 -1.19 3.40 11.59
N ILE C 96 -0.50 2.40 11.07
CA ILE C 96 -0.76 1.00 11.39
C ILE C 96 0.29 0.53 12.39
N ILE C 97 -0.16 -0.15 13.45
CA ILE C 97 0.72 -0.76 14.44
C ILE C 97 0.70 -2.27 14.19
N TRP C 98 1.85 -2.83 13.88
CA TRP C 98 1.97 -4.24 13.53
C TRP C 98 2.52 -5.05 14.69
N ASP C 99 2.20 -6.34 14.68
CA ASP C 99 2.89 -7.33 15.50
C ASP C 99 3.88 -8.03 14.58
N SER C 100 5.16 -7.68 14.71
CA SER C 100 6.16 -8.18 13.77
C SER C 100 6.38 -9.68 13.91
N TYR C 101 5.90 -10.30 14.99
CA TYR C 101 6.06 -11.73 15.16
C TYR C 101 5.00 -12.52 14.38
N THR C 102 3.76 -12.05 14.40
CA THR C 102 2.64 -12.77 13.79
C THR C 102 1.95 -11.99 12.70
N THR C 103 2.52 -10.87 12.25
CA THR C 103 2.02 -10.08 11.13
C THR C 103 0.69 -9.41 11.50
N ASN C 104 0.17 -9.72 12.68
CA ASN C 104 -1.12 -9.20 13.11
C ASN C 104 -1.08 -7.68 13.22
N LYS C 105 -2.19 -7.04 12.89
CA LYS C 105 -2.34 -5.60 12.99
C LYS C 105 -2.98 -5.28 14.34
N VAL C 106 -2.20 -4.67 15.23
CA VAL C 106 -2.71 -4.34 16.56
C VAL C 106 -3.63 -3.14 16.50
N HIS C 107 -3.27 -2.13 15.72
CA HIS C 107 -4.05 -0.89 15.63
C HIS C 107 -3.98 -0.36 14.21
N ALA C 108 -4.91 0.54 13.88
CA ALA C 108 -4.89 1.24 12.61
C ALA C 108 -5.47 2.64 12.87
N ILE C 109 -4.60 3.63 12.95
CA ILE C 109 -4.98 4.99 13.35
C ILE C 109 -5.12 5.83 12.09
N PRO C 110 -6.32 6.35 11.77
CA PRO C 110 -6.45 7.27 10.64
C PRO C 110 -6.01 8.67 11.03
N LEU C 111 -5.17 9.28 10.20
CA LEU C 111 -4.64 10.60 10.46
C LEU C 111 -5.51 11.67 9.83
N ARG C 112 -5.55 12.84 10.47
CA ARG C 112 -6.32 13.95 9.93
C ARG C 112 -5.78 14.40 8.57
N SER C 113 -4.46 14.50 8.45
CA SER C 113 -3.81 14.86 7.20
C SER C 113 -3.04 13.67 6.66
N SER C 114 -3.30 13.31 5.40
CA SER C 114 -2.68 12.14 4.81
C SER C 114 -1.22 12.37 4.42
N TRP C 115 -0.73 13.61 4.49
CA TRP C 115 0.66 13.91 4.15
C TRP C 115 1.49 13.82 5.43
N VAL C 116 1.96 12.61 5.71
CA VAL C 116 2.74 12.32 6.90
C VAL C 116 4.14 11.87 6.47
N MET C 117 5.16 12.48 7.06
CA MET C 117 6.53 12.21 6.69
C MET C 117 7.39 11.65 7.82
N THR C 118 6.82 11.39 9.00
CA THR C 118 7.61 10.91 10.11
C THR C 118 6.75 10.10 11.06
N CYS C 119 7.42 9.25 11.85
CA CYS C 119 6.80 8.41 12.85
C CYS C 119 7.66 8.39 14.11
N ALA C 120 7.03 8.10 15.24
CA ALA C 120 7.75 7.94 16.49
C ALA C 120 6.96 7.00 17.40
N TYR C 121 7.63 6.13 18.14
CA TYR C 121 7.00 5.27 19.11
C TYR C 121 7.60 5.60 20.43
N ALA C 122 6.79 5.91 21.43
CA ALA C 122 7.24 6.31 22.75
C ALA C 122 8.01 5.16 23.40
N PRO C 123 9.11 5.46 24.10
CA PRO C 123 9.83 4.39 24.80
C PRO C 123 8.98 3.67 25.84
N SER C 124 8.05 4.39 26.48
CA SER C 124 7.09 3.74 27.36
C SER C 124 6.20 2.80 26.59
N GLY C 125 5.80 3.18 25.38
CA GLY C 125 4.96 2.37 24.54
C GLY C 125 3.50 2.77 24.52
N ASN C 126 3.10 3.79 25.29
CA ASN C 126 1.71 4.20 25.34
C ASN C 126 1.35 5.27 24.32
N TYR C 127 2.33 5.82 23.61
CA TYR C 127 2.06 6.93 22.69
C TYR C 127 2.81 6.72 21.38
N VAL C 128 2.25 7.29 20.31
CA VAL C 128 2.91 7.42 19.02
C VAL C 128 2.73 8.85 18.55
N ALA C 129 3.65 9.29 17.70
CA ALA C 129 3.61 10.63 17.14
C ALA C 129 3.77 10.58 15.64
N CYS C 130 3.18 11.56 14.95
CA CYS C 130 3.29 11.65 13.51
C CYS C 130 3.18 13.11 13.09
N GLY C 131 3.70 13.41 11.92
CA GLY C 131 3.66 14.75 11.38
C GLY C 131 4.05 14.76 9.93
N GLY C 132 3.92 15.92 9.30
CA GLY C 132 4.23 16.04 7.90
C GLY C 132 4.05 17.43 7.34
N LEU C 133 3.39 17.53 6.19
CA LEU C 133 3.21 18.81 5.52
C LEU C 133 2.22 19.72 6.24
N ASP C 134 1.52 19.22 7.26
CA ASP C 134 0.58 20.03 8.02
C ASP C 134 1.25 20.85 9.12
N ASN C 135 2.55 20.71 9.31
CA ASN C 135 3.33 21.47 10.29
C ASN C 135 2.88 21.22 11.72
N ILE C 136 2.20 20.10 11.97
CA ILE C 136 1.65 19.78 13.29
C ILE C 136 2.10 18.37 13.66
N CYS C 137 2.60 18.22 14.88
CA CYS C 137 2.97 16.91 15.43
C CYS C 137 1.86 16.45 16.36
N SER C 138 1.21 15.34 16.01
CA SER C 138 0.08 14.82 16.74
C SER C 138 0.49 13.61 17.58
N ILE C 139 0.05 13.58 18.83
CA ILE C 139 0.36 12.51 19.76
C ILE C 139 -0.92 11.68 19.97
N TYR C 140 -0.78 10.36 19.89
CA TYR C 140 -1.91 9.44 20.03
C TYR C 140 -1.73 8.58 21.26
N ASN C 141 -2.82 8.34 21.98
CA ASN C 141 -2.80 7.55 23.21
C ASN C 141 -3.21 6.13 22.88
N LEU C 142 -2.26 5.20 22.95
CA LEU C 142 -2.55 3.80 22.64
C LEU C 142 -3.33 3.13 23.78
N LYS C 143 -2.94 3.39 25.02
CA LYS C 143 -3.52 2.71 26.17
C LYS C 143 -4.64 3.57 26.76
N THR C 144 -5.72 3.66 26.01
CA THR C 144 -6.91 4.41 26.42
C THR C 144 -7.91 3.44 27.05
N ARG C 145 -8.33 3.74 28.27
CA ARG C 145 -9.30 2.87 28.95
C ARG C 145 -10.67 2.92 28.29
N GLU C 146 -10.98 4.01 27.59
CA GLU C 146 -12.29 4.18 26.98
C GLU C 146 -12.30 3.69 25.54
N GLY C 147 -11.82 2.45 25.36
CA GLY C 147 -11.93 1.81 24.07
C GLY C 147 -10.69 1.84 23.20
N ASN C 148 -10.67 2.71 22.19
CA ASN C 148 -9.70 2.69 21.11
C ASN C 148 -8.70 3.84 21.24
N VAL C 149 -7.84 3.95 20.24
CA VAL C 149 -6.77 4.95 20.23
C VAL C 149 -7.35 6.31 19.85
N ARG C 150 -7.01 7.34 20.62
CA ARG C 150 -7.47 8.69 20.37
C ARG C 150 -6.30 9.66 20.47
N VAL C 151 -6.43 10.79 19.79
CA VAL C 151 -5.38 11.80 19.80
C VAL C 151 -5.29 12.43 21.19
N SER C 152 -4.08 12.83 21.56
CA SER C 152 -3.81 13.37 22.89
C SER C 152 -3.43 14.85 22.84
N ARG C 153 -2.40 15.20 22.07
CA ARG C 153 -1.95 16.57 21.96
C ARG C 153 -1.53 16.85 20.52
N GLU C 154 -1.90 18.02 20.02
CA GLU C 154 -1.45 18.50 18.72
C GLU C 154 -0.49 19.65 18.95
N LEU C 155 0.79 19.44 18.62
CA LEU C 155 1.84 20.41 18.88
C LEU C 155 2.02 21.28 17.65
N ALA C 156 1.63 22.55 17.77
CA ALA C 156 1.74 23.51 16.68
C ALA C 156 2.72 24.62 17.06
N GLY C 157 3.34 25.21 16.04
CA GLY C 157 4.32 26.26 16.27
C GLY C 157 5.45 26.26 15.26
N HIS C 158 5.60 25.15 14.53
CA HIS C 158 6.57 25.09 13.45
C HIS C 158 6.02 25.79 12.22
N THR C 159 6.94 26.35 11.42
CA THR C 159 6.54 27.06 10.21
C THR C 159 6.61 26.19 8.97
N GLY C 160 7.64 25.35 8.86
CA GLY C 160 7.76 24.43 7.75
C GLY C 160 7.23 23.03 8.08
N TYR C 161 7.38 22.14 7.11
CA TYR C 161 6.90 20.77 7.27
C TYR C 161 7.71 20.05 8.35
N LEU C 162 7.09 19.02 8.92
CA LEU C 162 7.74 18.22 9.96
C LEU C 162 8.55 17.11 9.30
N SER C 163 9.86 17.12 9.53
CA SER C 163 10.75 16.12 8.95
C SER C 163 10.97 14.92 9.86
N CYS C 164 11.10 15.14 11.17
CA CYS C 164 11.36 14.06 12.10
C CYS C 164 10.85 14.44 13.47
N CYS C 165 10.63 13.42 14.31
CA CYS C 165 10.19 13.63 15.68
C CYS C 165 10.58 12.40 16.48
N ARG C 166 11.10 12.63 17.68
CA ARG C 166 11.57 11.55 18.54
C ARG C 166 11.11 11.79 19.97
N PHE C 167 10.57 10.75 20.60
CA PHE C 167 10.07 10.87 21.97
C PHE C 167 11.26 10.86 22.93
N LEU C 168 11.52 11.99 23.58
CA LEU C 168 12.51 12.01 24.64
C LEU C 168 12.05 11.19 25.83
N ASP C 169 10.79 11.32 26.21
CA ASP C 169 10.21 10.64 27.36
C ASP C 169 8.71 10.56 27.16
N ASP C 170 7.99 10.23 28.22
CA ASP C 170 6.53 10.17 28.14
C ASP C 170 5.91 11.55 27.99
N ASN C 171 6.63 12.61 28.36
CA ASN C 171 6.09 13.96 28.34
C ASN C 171 6.94 14.94 27.52
N GLN C 172 8.07 14.49 26.98
CA GLN C 172 8.95 15.38 26.22
C GLN C 172 9.21 14.77 24.85
N ILE C 173 9.07 15.59 23.82
CA ILE C 173 9.35 15.20 22.44
C ILE C 173 10.19 16.29 21.79
N VAL C 174 10.98 15.90 20.79
CA VAL C 174 11.81 16.83 20.04
C VAL C 174 11.48 16.66 18.56
N THR C 175 11.30 17.78 17.86
CA THR C 175 10.90 17.76 16.46
C THR C 175 11.83 18.64 15.64
N SER C 176 12.05 18.23 14.39
CA SER C 176 12.81 19.01 13.43
C SER C 176 11.92 19.34 12.25
N SER C 177 12.01 20.58 11.75
CA SER C 177 11.13 21.06 10.71
C SER C 177 11.92 21.61 9.54
N GLY C 178 11.19 21.94 8.48
CA GLY C 178 11.74 22.54 7.29
C GLY C 178 11.99 24.03 7.37
N ASP C 179 11.70 24.65 8.52
CA ASP C 179 12.00 26.06 8.74
C ASP C 179 13.37 26.27 9.39
N THR C 180 14.30 25.33 9.17
CA THR C 180 15.68 25.40 9.64
C THR C 180 15.80 25.41 11.16
N THR C 181 14.77 24.97 11.88
CA THR C 181 14.79 24.97 13.33
C THR C 181 14.35 23.62 13.87
N CYS C 182 14.87 23.28 15.05
CA CYS C 182 14.43 22.13 15.83
C CYS C 182 13.87 22.63 17.16
N ALA C 183 12.83 21.96 17.65
CA ALA C 183 12.13 22.40 18.83
C ALA C 183 11.96 21.25 19.82
N LEU C 184 11.96 21.60 21.10
CA LEU C 184 11.69 20.65 22.18
C LEU C 184 10.37 21.05 22.85
N TRP C 185 9.45 20.09 22.94
CA TRP C 185 8.10 20.35 23.40
C TRP C 185 7.84 19.68 24.74
N ASP C 186 6.83 20.20 25.43
CA ASP C 186 6.30 19.60 26.65
C ASP C 186 4.87 19.19 26.35
N ILE C 187 4.61 17.87 26.32
CA ILE C 187 3.32 17.38 25.85
C ILE C 187 2.18 17.82 26.77
N GLU C 188 2.44 17.90 28.08
CA GLU C 188 1.38 18.24 29.01
C GLU C 188 0.80 19.62 28.73
N THR C 189 1.65 20.60 28.44
CA THR C 189 1.19 21.95 28.15
C THR C 189 1.13 22.27 26.66
N GLY C 190 1.87 21.53 25.83
CA GLY C 190 1.86 21.77 24.41
C GLY C 190 2.64 22.99 23.96
N GLN C 191 3.62 23.42 24.73
CA GLN C 191 4.40 24.61 24.43
C GLN C 191 5.86 24.23 24.18
N GLN C 192 6.52 25.03 23.35
CA GLN C 192 7.93 24.79 23.01
C GLN C 192 8.79 25.21 24.20
N THR C 193 9.36 24.23 24.90
CA THR C 193 10.28 24.54 25.98
C THR C 193 11.54 25.20 25.47
N THR C 194 12.10 24.69 24.36
CA THR C 194 13.33 25.20 23.80
C THR C 194 13.25 25.15 22.28
N THR C 195 13.86 26.13 21.64
CA THR C 195 13.96 26.19 20.18
C THR C 195 15.43 26.18 19.79
N PHE C 196 15.80 25.26 18.89
CA PHE C 196 17.17 25.11 18.45
C PHE C 196 17.31 25.74 17.07
N THR C 197 18.13 26.78 16.97
CA THR C 197 18.33 27.51 15.73
C THR C 197 19.82 27.56 15.39
N GLY C 198 20.10 27.74 14.10
CA GLY C 198 21.47 27.79 13.63
C GLY C 198 21.65 27.19 12.25
N HIS C 199 20.71 26.36 11.83
CA HIS C 199 20.75 25.81 10.49
C HIS C 199 20.28 26.86 9.48
N THR C 200 20.88 26.82 8.29
CA THR C 200 20.48 27.70 7.20
C THR C 200 19.55 27.04 6.20
N GLY C 201 19.54 25.70 6.14
CA GLY C 201 18.64 24.97 5.28
C GLY C 201 17.67 24.13 6.10
N ASP C 202 16.73 23.51 5.39
CA ASP C 202 15.71 22.70 6.06
C ASP C 202 16.35 21.52 6.77
N VAL C 203 15.95 21.31 8.02
CA VAL C 203 16.41 20.15 8.78
C VAL C 203 15.60 18.93 8.35
N MET C 204 16.30 17.87 7.96
CA MET C 204 15.64 16.71 7.37
C MET C 204 15.56 15.51 8.30
N SER C 205 16.37 15.47 9.37
CA SER C 205 16.37 14.32 10.26
C SER C 205 16.99 14.71 11.59
N LEU C 206 16.77 13.85 12.59
CA LEU C 206 17.37 14.04 13.91
C LEU C 206 17.50 12.67 14.57
N SER C 207 18.31 12.61 15.61
CA SER C 207 18.55 11.36 16.32
C SER C 207 19.03 11.66 17.73
N LEU C 208 18.29 11.19 18.73
CA LEU C 208 18.69 11.38 20.12
C LEU C 208 19.81 10.43 20.50
N ALA C 209 20.64 10.87 21.45
CA ALA C 209 21.69 10.03 21.97
C ALA C 209 21.11 8.95 22.88
N PRO C 210 21.86 7.87 23.10
CA PRO C 210 21.41 6.87 24.09
C PRO C 210 21.23 7.45 25.48
N ASP C 211 22.03 8.44 25.86
CA ASP C 211 21.86 9.13 27.13
C ASP C 211 20.71 10.12 27.12
N THR C 212 20.14 10.41 25.95
CA THR C 212 19.05 11.37 25.79
C THR C 212 19.37 12.72 26.42
N ARG C 213 20.63 13.14 26.25
CA ARG C 213 21.05 14.48 26.66
C ARG C 213 21.50 15.35 25.50
N LEU C 214 21.84 14.76 24.35
CA LEU C 214 22.21 15.49 23.15
C LEU C 214 21.55 14.83 21.95
N PHE C 215 21.41 15.59 20.87
CA PHE C 215 20.89 15.03 19.64
C PHE C 215 21.48 15.79 18.45
N VAL C 216 21.69 15.07 17.36
CA VAL C 216 22.23 15.65 16.15
C VAL C 216 21.09 15.89 15.16
N SER C 217 21.37 16.68 14.13
CA SER C 217 20.38 16.98 13.11
C SER C 217 21.08 17.25 11.79
N GLY C 218 20.56 16.66 10.73
CA GLY C 218 21.06 16.90 9.39
C GLY C 218 20.15 17.86 8.65
N ALA C 219 20.75 18.79 7.91
CA ALA C 219 20.01 19.84 7.24
C ALA C 219 20.36 19.86 5.75
N CYS C 220 19.57 20.62 4.99
CA CYS C 220 19.79 20.77 3.56
C CYS C 220 21.02 21.61 3.23
N ASP C 221 21.63 22.26 4.22
CA ASP C 221 22.85 23.02 4.00
C ASP C 221 24.10 22.16 4.08
N ALA C 222 23.95 20.83 4.02
CA ALA C 222 25.07 19.89 4.07
C ALA C 222 25.88 20.05 5.35
N SER C 223 25.18 20.30 6.46
CA SER C 223 25.83 20.48 7.76
C SER C 223 25.06 19.69 8.81
N ALA C 224 25.79 19.19 9.80
CA ALA C 224 25.22 18.47 10.93
C ALA C 224 25.60 19.18 12.22
N LYS C 225 24.61 19.47 13.05
CA LYS C 225 24.81 20.22 14.28
C LYS C 225 24.43 19.36 15.47
N LEU C 226 25.30 19.34 16.49
CA LEU C 226 25.04 18.61 17.73
C LEU C 226 24.52 19.60 18.77
N TRP C 227 23.32 19.35 19.27
CA TRP C 227 22.66 20.25 20.21
C TRP C 227 22.71 19.68 21.62
N ASP C 228 22.46 20.55 22.59
CA ASP C 228 22.29 20.17 23.98
C ASP C 228 20.84 20.42 24.36
N VAL C 229 20.14 19.36 24.79
CA VAL C 229 18.71 19.47 25.06
C VAL C 229 18.46 20.34 26.30
N ARG C 230 19.33 20.22 27.31
CA ARG C 230 19.11 20.95 28.55
C ARG C 230 19.33 22.45 28.35
N GLU C 231 20.53 22.85 27.94
CA GLU C 231 20.83 24.27 27.77
C GLU C 231 20.08 24.85 26.59
N GLY C 232 20.10 24.18 25.45
CA GLY C 232 19.42 24.63 24.27
C GLY C 232 20.26 25.38 23.26
N MET C 233 21.55 25.09 23.18
CA MET C 233 22.45 25.76 22.25
C MET C 233 23.29 24.74 21.51
N CYS C 234 23.71 25.10 20.30
CA CYS C 234 24.54 24.21 19.50
C CYS C 234 25.93 24.08 20.10
N ARG C 235 26.47 22.86 20.05
CA ARG C 235 27.80 22.58 20.58
C ARG C 235 28.84 22.41 19.49
N GLN C 236 28.55 21.60 18.47
CA GLN C 236 29.48 21.32 17.39
C GLN C 236 28.74 21.41 16.06
N THR C 237 29.49 21.70 15.00
CA THR C 237 28.97 21.70 13.64
C THR C 237 29.90 20.89 12.76
N PHE C 238 29.35 19.94 12.01
CA PHE C 238 30.13 19.04 11.16
C PHE C 238 29.80 19.30 9.71
N THR C 239 30.83 19.36 8.88
CA THR C 239 30.68 19.60 7.44
C THR C 239 31.49 18.56 6.67
N GLY C 240 31.26 18.51 5.37
CA GLY C 240 31.97 17.59 4.50
C GLY C 240 31.11 17.03 3.39
N HIS C 241 29.79 17.07 3.59
CA HIS C 241 28.87 16.61 2.56
C HIS C 241 28.67 17.67 1.51
N GLU C 242 28.37 17.22 0.28
CA GLU C 242 28.24 18.11 -0.86
C GLU C 242 26.79 18.37 -1.26
N SER C 243 25.83 17.86 -0.50
CA SER C 243 24.42 18.05 -0.84
C SER C 243 23.60 17.90 0.43
N ASP C 244 22.27 17.89 0.26
CA ASP C 244 21.36 17.83 1.40
C ASP C 244 21.54 16.53 2.16
N ILE C 245 21.59 16.64 3.48
CA ILE C 245 21.66 15.46 4.35
C ILE C 245 20.25 14.96 4.60
N ASN C 246 20.01 13.70 4.27
CA ASN C 246 18.66 13.13 4.34
C ASN C 246 18.44 12.26 5.56
N ALA C 247 19.50 11.67 6.12
CA ALA C 247 19.36 10.76 7.26
C ALA C 247 20.50 10.98 8.23
N ILE C 248 20.22 10.69 9.50
CA ILE C 248 21.23 10.74 10.55
C ILE C 248 20.86 9.70 11.59
N CYS C 249 21.88 9.20 12.28
CA CYS C 249 21.65 8.22 13.29
C CYS C 249 22.81 8.26 14.22
N PHE C 250 22.59 7.97 15.49
CA PHE C 250 23.65 7.94 16.50
C PHE C 250 24.25 6.54 16.61
N PHE C 251 25.56 6.50 16.82
CA PHE C 251 26.25 5.25 17.10
C PHE C 251 25.75 4.70 18.44
N PRO C 252 25.74 3.38 18.61
CA PRO C 252 25.31 2.82 19.90
C PRO C 252 26.13 3.33 21.07
N ASN C 253 27.40 3.65 20.87
CA ASN C 253 28.21 4.25 21.92
C ASN C 253 27.62 5.59 22.33
N GLY C 254 27.21 6.40 21.36
CA GLY C 254 26.71 7.73 21.61
C GLY C 254 27.72 8.84 21.37
N ASN C 255 28.96 8.51 21.03
CA ASN C 255 30.00 9.49 20.75
C ASN C 255 30.30 9.62 19.27
N ALA C 256 29.41 9.10 18.41
CA ALA C 256 29.59 9.20 16.97
C ALA C 256 28.23 9.10 16.30
N PHE C 257 28.18 9.49 15.03
CA PHE C 257 26.96 9.39 14.26
C PHE C 257 27.29 9.30 12.79
N ALA C 258 26.31 8.81 12.02
CA ALA C 258 26.46 8.64 10.58
C ALA C 258 25.43 9.47 9.85
N THR C 259 25.81 9.98 8.68
CA THR C 259 24.97 10.85 7.88
C THR C 259 24.80 10.28 6.49
N GLY C 260 23.59 10.44 5.93
CA GLY C 260 23.34 10.02 4.58
C GLY C 260 22.78 11.16 3.73
N SER C 261 23.54 11.60 2.74
CA SER C 261 23.20 12.79 1.98
C SER C 261 22.76 12.41 0.57
N ASP C 262 22.40 13.43 -0.21
CA ASP C 262 21.89 13.23 -1.57
C ASP C 262 22.99 13.00 -2.59
N ASP C 263 24.26 13.16 -2.23
CA ASP C 263 25.37 12.94 -3.15
C ASP C 263 25.83 11.49 -3.17
N ALA C 264 24.96 10.55 -2.80
CA ALA C 264 25.24 9.12 -2.87
C ALA C 264 26.45 8.74 -2.01
N THR C 265 26.56 9.34 -0.84
CA THR C 265 27.67 9.06 0.05
C THR C 265 27.19 9.05 1.50
N CYS C 266 27.96 8.35 2.34
CA CYS C 266 27.76 8.34 3.78
C CYS C 266 29.06 8.72 4.46
N ARG C 267 28.95 9.33 5.64
CA ARG C 267 30.10 9.76 6.40
C ARG C 267 29.88 9.48 7.87
N LEU C 268 30.97 9.13 8.56
CA LEU C 268 30.94 8.86 9.98
C LEU C 268 31.66 9.99 10.70
N PHE C 269 30.97 10.67 11.60
CA PHE C 269 31.51 11.78 12.36
C PHE C 269 31.67 11.38 13.82
N ASP C 270 32.74 11.87 14.44
CA ASP C 270 33.00 11.61 15.85
C ASP C 270 32.84 12.91 16.63
N LEU C 271 32.08 12.84 17.73
CA LEU C 271 31.83 14.04 18.53
C LEU C 271 33.10 14.58 19.16
N ARG C 272 33.95 13.69 19.69
CA ARG C 272 35.18 14.13 20.33
C ARG C 272 36.23 14.55 19.31
N ALA C 273 36.36 13.83 18.20
CA ALA C 273 37.34 14.18 17.18
C ALA C 273 36.91 15.39 16.37
N ASP C 274 35.61 15.69 16.31
CA ASP C 274 35.08 16.87 15.63
C ASP C 274 35.40 16.87 14.13
N GLN C 275 35.53 15.70 13.53
CA GLN C 275 35.76 15.64 12.10
C GLN C 275 35.32 14.28 11.57
N GLU C 276 35.07 14.24 10.26
CA GLU C 276 34.65 13.00 9.61
C GLU C 276 35.75 11.96 9.67
N LEU C 277 35.36 10.71 9.94
CA LEU C 277 36.30 9.61 10.10
C LEU C 277 36.37 8.71 8.87
N MET C 278 35.22 8.25 8.37
CA MET C 278 35.17 7.34 7.24
C MET C 278 34.11 7.79 6.26
N THR C 279 34.26 7.37 5.01
CA THR C 279 33.33 7.67 3.94
C THR C 279 32.84 6.36 3.33
N TYR C 280 31.53 6.23 3.17
CA TYR C 280 30.91 5.02 2.62
C TYR C 280 30.29 5.39 1.29
N SER C 281 31.04 5.17 0.21
CA SER C 281 30.57 5.46 -1.13
C SER C 281 31.19 4.46 -2.11
N HIS C 282 30.53 4.30 -3.24
CA HIS C 282 31.01 3.44 -4.31
C HIS C 282 30.78 4.13 -5.65
N ASP C 283 31.64 3.81 -6.62
CA ASP C 283 31.54 4.42 -7.94
C ASP C 283 30.31 3.94 -8.69
N ASN C 284 29.83 2.74 -8.39
CA ASN C 284 28.65 2.18 -9.03
C ASN C 284 27.35 2.78 -8.51
N ILE C 285 27.39 3.51 -7.40
CA ILE C 285 26.19 4.09 -6.79
C ILE C 285 26.18 5.58 -7.09
N ILE C 286 25.13 6.02 -7.78
CA ILE C 286 24.90 7.43 -8.06
C ILE C 286 23.56 7.91 -7.49
N CYS C 287 22.92 7.09 -6.67
CA CYS C 287 21.61 7.40 -6.10
C CYS C 287 21.77 7.85 -4.66
N GLY C 288 20.93 8.79 -4.24
CA GLY C 288 21.02 9.33 -2.90
C GLY C 288 20.64 8.31 -1.84
N ILE C 289 20.76 8.74 -0.59
CA ILE C 289 20.47 7.89 0.56
C ILE C 289 19.26 8.45 1.29
N THR C 290 18.28 7.59 1.59
CA THR C 290 17.06 8.02 2.24
C THR C 290 17.04 7.75 3.75
N SER C 291 17.74 6.71 4.21
CA SER C 291 17.73 6.35 5.61
C SER C 291 19.00 5.61 5.95
N VAL C 292 19.46 5.77 7.19
CA VAL C 292 20.59 5.02 7.72
C VAL C 292 20.22 4.49 9.10
N SER C 293 20.90 3.42 9.50
CA SER C 293 20.70 2.83 10.80
C SER C 293 21.87 1.92 11.13
N PHE C 294 22.24 1.87 12.41
CA PHE C 294 23.30 1.02 12.89
C PHE C 294 22.72 -0.27 13.46
N SER C 295 23.57 -1.28 13.55
CA SER C 295 23.18 -2.52 14.24
C SER C 295 23.38 -2.36 15.73
N LYS C 296 23.09 -3.42 16.48
CA LYS C 296 23.22 -3.35 17.94
C LYS C 296 24.66 -3.15 18.36
N SER C 297 25.60 -3.85 17.71
CA SER C 297 27.00 -3.73 18.04
C SER C 297 27.65 -2.48 17.44
N GLY C 298 27.02 -1.85 16.46
CA GLY C 298 27.61 -0.75 15.75
C GLY C 298 28.60 -1.15 14.67
N ARG C 299 28.81 -2.45 14.44
CA ARG C 299 29.72 -2.90 13.40
C ARG C 299 29.11 -2.75 12.01
N LEU C 300 27.79 -2.88 11.89
CA LEU C 300 27.10 -2.75 10.62
C LEU C 300 26.39 -1.42 10.54
N LEU C 301 26.45 -0.81 9.35
CA LEU C 301 25.69 0.41 9.05
C LEU C 301 24.81 0.11 7.86
N LEU C 302 23.49 0.08 8.08
CA LEU C 302 22.53 -0.20 7.04
C LEU C 302 21.99 1.11 6.49
N ALA C 303 22.01 1.24 5.16
CA ALA C 303 21.57 2.46 4.51
C ALA C 303 20.59 2.12 3.39
N GLY C 304 19.52 2.89 3.30
CA GLY C 304 18.52 2.72 2.26
C GLY C 304 18.77 3.73 1.14
N TYR C 305 18.85 3.22 -0.08
CA TYR C 305 19.23 4.02 -1.23
C TYR C 305 18.03 4.27 -2.13
N ASP C 306 18.28 5.07 -3.17
CA ASP C 306 17.25 5.39 -4.15
C ASP C 306 17.16 4.34 -5.26
N ASP C 307 18.14 3.45 -5.37
CA ASP C 307 18.15 2.42 -6.39
C ASP C 307 17.38 1.18 -5.99
N PHE C 308 16.42 1.34 -5.07
CA PHE C 308 15.51 0.29 -4.60
C PHE C 308 16.22 -0.75 -3.75
N ASN C 309 17.48 -0.51 -3.38
CA ASN C 309 18.30 -1.49 -2.68
C ASN C 309 18.78 -0.88 -1.37
N CYS C 310 18.67 -1.64 -0.29
CA CYS C 310 19.24 -1.25 0.98
C CYS C 310 20.60 -1.92 1.14
N ASN C 311 21.62 -1.12 1.43
CA ASN C 311 23.00 -1.59 1.44
C ASN C 311 23.49 -1.70 2.88
N VAL C 312 24.32 -2.71 3.13
CA VAL C 312 24.91 -2.95 4.44
C VAL C 312 26.40 -2.62 4.34
N TRP C 313 26.85 -1.68 5.16
CA TRP C 313 28.24 -1.21 5.14
C TRP C 313 28.93 -1.65 6.42
N ASP C 314 30.13 -2.20 6.29
CA ASP C 314 30.95 -2.54 7.45
C ASP C 314 31.64 -1.26 7.89
N ALA C 315 31.13 -0.65 8.97
CA ALA C 315 31.52 0.71 9.32
C ALA C 315 33.00 0.82 9.66
N LEU C 316 33.57 -0.21 10.29
CA LEU C 316 34.97 -0.13 10.69
C LEU C 316 35.91 -0.09 9.49
N LYS C 317 35.61 -0.86 8.45
CA LYS C 317 36.45 -0.93 7.26
C LYS C 317 35.87 -0.21 6.05
N ALA C 318 34.64 0.29 6.15
CA ALA C 318 34.01 1.05 5.07
C ALA C 318 33.95 0.24 3.78
N ASP C 319 33.65 -1.04 3.89
CA ASP C 319 33.52 -1.94 2.76
C ASP C 319 32.11 -2.51 2.72
N ARG C 320 31.53 -2.58 1.54
CA ARG C 320 30.20 -3.16 1.39
C ARG C 320 30.21 -4.63 1.80
N ALA C 321 29.15 -5.05 2.50
CA ALA C 321 29.06 -6.41 3.00
C ALA C 321 27.76 -7.11 2.66
N GLY C 322 26.72 -6.40 2.26
CA GLY C 322 25.46 -7.05 1.94
C GLY C 322 24.52 -6.08 1.25
N VAL C 323 23.50 -6.66 0.61
CA VAL C 323 22.49 -5.91 -0.12
C VAL C 323 21.12 -6.49 0.22
N LEU C 324 20.18 -5.62 0.60
CA LEU C 324 18.81 -6.03 0.91
C LEU C 324 17.93 -5.70 -0.30
N ALA C 325 18.04 -6.53 -1.33
CA ALA C 325 17.32 -6.32 -2.59
C ALA C 325 16.00 -7.09 -2.53
N GLY C 326 14.96 -6.44 -2.07
CA GLY C 326 13.64 -7.06 -2.03
C GLY C 326 12.50 -6.11 -2.29
N HIS C 327 12.81 -4.86 -2.65
CA HIS C 327 11.81 -3.84 -2.86
C HIS C 327 11.83 -3.39 -4.32
N ASP C 328 10.66 -2.99 -4.81
CA ASP C 328 10.50 -2.57 -6.19
C ASP C 328 10.43 -1.06 -6.34
N ASN C 329 10.69 -0.30 -5.28
CA ASN C 329 10.68 1.15 -5.35
C ASN C 329 11.64 1.70 -4.31
N ARG C 330 11.65 3.02 -4.17
CA ARG C 330 12.57 3.70 -3.27
C ARG C 330 12.40 3.21 -1.84
N VAL C 331 13.50 2.86 -1.19
CA VAL C 331 13.49 2.49 0.22
C VAL C 331 13.52 3.76 1.04
N SER C 332 12.38 4.11 1.62
CA SER C 332 12.24 5.34 2.34
C SER C 332 12.61 5.33 3.79
N CYS C 333 12.34 4.24 4.46
CA CYS C 333 12.56 4.14 5.90
C CYS C 333 13.30 2.86 6.23
N LEU C 334 13.93 2.86 7.40
CA LEU C 334 14.79 1.77 7.83
C LEU C 334 14.81 1.76 9.34
N GLY C 335 14.92 0.57 9.93
CA GLY C 335 14.96 0.46 11.37
C GLY C 335 15.58 -0.85 11.80
N VAL C 336 16.23 -0.82 12.97
CA VAL C 336 16.84 -1.99 13.58
C VAL C 336 16.29 -2.13 14.99
N THR C 337 15.90 -3.35 15.36
CA THR C 337 15.29 -3.58 16.66
C THR C 337 16.28 -3.27 17.78
N ASP C 338 15.74 -2.90 18.94
CA ASP C 338 16.59 -2.67 20.11
C ASP C 338 17.29 -3.95 20.55
N ASP C 339 16.66 -5.10 20.30
CA ASP C 339 17.31 -6.37 20.57
C ASP C 339 18.37 -6.71 19.52
N GLY C 340 18.32 -6.07 18.35
CA GLY C 340 19.28 -6.32 17.30
C GLY C 340 19.03 -7.57 16.49
N MET C 341 17.87 -8.21 16.64
CA MET C 341 17.59 -9.48 15.99
C MET C 341 16.78 -9.33 14.70
N ALA C 342 16.48 -8.11 14.27
CA ALA C 342 15.70 -7.94 13.05
C ALA C 342 15.96 -6.56 12.48
N VAL C 343 15.67 -6.43 11.18
CA VAL C 343 15.76 -5.17 10.46
C VAL C 343 14.48 -5.01 9.64
N ALA C 344 13.77 -3.91 9.86
CA ALA C 344 12.56 -3.63 9.11
C ALA C 344 12.86 -2.58 8.05
N THR C 345 12.35 -2.80 6.84
CA THR C 345 12.65 -1.94 5.70
C THR C 345 11.33 -1.62 4.99
N GLY C 346 10.93 -0.36 5.03
CA GLY C 346 9.79 0.09 4.26
C GLY C 346 10.22 0.73 2.96
N SER C 347 9.27 0.91 2.05
CA SER C 347 9.57 1.43 0.74
C SER C 347 8.30 2.02 0.13
N TRP C 348 8.47 2.64 -1.04
CA TRP C 348 7.36 3.31 -1.71
C TRP C 348 6.40 2.34 -2.40
N ASP C 349 6.75 1.06 -2.48
CA ASP C 349 5.86 0.06 -3.03
C ASP C 349 4.81 -0.42 -2.02
N SER C 350 4.69 0.28 -0.89
CA SER C 350 3.67 0.03 0.13
C SER C 350 3.83 -1.32 0.82
N PHE C 351 5.08 -1.76 1.03
CA PHE C 351 5.34 -3.02 1.70
C PHE C 351 6.45 -2.84 2.72
N LEU C 352 6.30 -3.49 3.87
CA LEU C 352 7.33 -3.53 4.90
C LEU C 352 7.86 -4.95 5.01
N LYS C 353 9.18 -5.08 5.10
CA LYS C 353 9.84 -6.38 5.12
C LYS C 353 10.73 -6.47 6.35
N ILE C 354 10.68 -7.63 7.01
CA ILE C 354 11.54 -7.92 8.16
C ILE C 354 12.62 -8.88 7.69
N TRP C 355 13.88 -8.56 8.00
CA TRP C 355 15.02 -9.27 7.44
C TRP C 355 15.80 -9.95 8.57
N ASN C 356 16.12 -11.22 8.38
CA ASN C 356 16.91 -12.01 9.32
C ASN C 356 16.34 -12.03 10.73
N SER D 7 21.30 43.30 10.80
CA SER D 7 22.39 42.94 9.91
C SER D 7 23.69 42.77 10.69
N ILE D 8 24.04 43.80 11.48
CA ILE D 8 25.24 43.73 12.28
C ILE D 8 25.10 42.69 13.40
N ALA D 9 23.91 42.63 14.01
CA ALA D 9 23.68 41.67 15.08
C ALA D 9 23.74 40.23 14.57
N GLN D 10 23.21 40.00 13.36
CA GLN D 10 23.24 38.65 12.80
C GLN D 10 24.67 38.17 12.58
N ALA D 11 25.54 39.04 12.05
CA ALA D 11 26.95 38.69 11.91
C ALA D 11 27.62 38.54 13.27
N ARG D 12 27.28 39.40 14.22
CA ARG D 12 27.84 39.30 15.56
C ARG D 12 27.42 38.01 16.24
N LYS D 13 26.16 37.61 16.08
CA LYS D 13 25.69 36.36 16.67
C LYS D 13 26.39 35.16 16.05
N LEU D 14 26.57 35.17 14.72
CA LEU D 14 27.28 34.09 14.06
C LEU D 14 28.73 34.01 14.52
N VAL D 15 29.37 35.17 14.69
CA VAL D 15 30.74 35.20 15.19
C VAL D 15 30.80 34.67 16.63
N GLU D 16 29.83 35.09 17.46
CA GLU D 16 29.82 34.67 18.86
C GLU D 16 29.66 33.16 18.98
N GLN D 17 28.76 32.57 18.19
CA GLN D 17 28.59 31.11 18.23
C GLN D 17 29.82 30.40 17.70
N LEU D 18 30.46 30.95 16.66
CA LEU D 18 31.64 30.32 16.10
C LEU D 18 32.79 30.30 17.09
N LYS D 19 32.90 31.32 17.93
CA LYS D 19 33.94 31.33 18.95
C LYS D 19 33.74 30.22 19.97
N MET D 20 32.49 29.96 20.36
CA MET D 20 32.21 28.89 21.31
C MET D 20 32.60 27.53 20.74
N GLU D 21 32.30 27.30 19.47
CA GLU D 21 32.67 26.04 18.83
C GLU D 21 34.19 25.90 18.74
N ALA D 22 34.89 26.98 18.43
CA ALA D 22 36.34 26.93 18.31
C ALA D 22 37.00 26.61 19.64
N ASN D 23 36.52 27.21 20.72
CA ASN D 23 37.10 26.99 22.04
C ASN D 23 36.45 25.75 22.67
N ILE D 24 36.82 24.60 22.11
CA ILE D 24 36.31 23.31 22.55
C ILE D 24 37.47 22.35 22.72
N ASP D 25 37.24 21.31 23.51
CA ASP D 25 38.25 20.29 23.77
C ASP D 25 38.16 19.20 22.71
N ARG D 26 39.32 18.81 22.17
CA ARG D 26 39.39 17.78 21.14
C ARG D 26 40.49 16.79 21.49
N ILE D 27 40.34 15.57 20.99
CA ILE D 27 41.34 14.52 21.14
C ILE D 27 41.76 14.06 19.76
N LYS D 28 42.84 13.28 19.72
CA LYS D 28 43.33 12.76 18.46
C LYS D 28 42.34 11.76 17.86
N VAL D 29 42.36 11.65 16.53
CA VAL D 29 41.45 10.75 15.83
C VAL D 29 41.74 9.30 16.23
N SER D 30 43.02 8.95 16.40
CA SER D 30 43.38 7.60 16.80
C SER D 30 42.75 7.24 18.14
N LYS D 31 42.69 8.20 19.08
CA LYS D 31 42.00 7.95 20.34
C LYS D 31 40.51 7.73 20.11
N ALA D 32 39.90 8.52 19.23
CA ALA D 32 38.48 8.36 18.93
C ALA D 32 38.22 7.14 18.06
N ALA D 33 39.15 6.78 17.17
CA ALA D 33 38.98 5.59 16.37
C ALA D 33 39.10 4.32 17.20
N ALA D 34 39.93 4.35 18.24
CA ALA D 34 40.07 3.18 19.11
C ALA D 34 38.79 2.93 19.90
N ASP D 35 38.09 4.00 20.29
CA ASP D 35 36.85 3.84 21.06
C ASP D 35 35.78 3.12 20.24
N LEU D 36 35.61 3.51 18.97
CA LEU D 36 34.63 2.83 18.12
C LEU D 36 35.05 1.39 17.85
N MET D 37 36.34 1.15 17.63
CA MET D 37 36.82 -0.21 17.41
C MET D 37 36.63 -1.07 18.64
N ALA D 38 36.94 -0.51 19.82
CA ALA D 38 36.81 -1.29 21.05
C ALA D 38 35.35 -1.60 21.36
N TYR D 39 34.45 -0.65 21.10
CA TYR D 39 33.03 -0.87 21.38
C TYR D 39 32.47 -2.01 20.53
N CYS D 40 32.84 -2.05 19.24
CA CYS D 40 32.29 -3.06 18.35
C CYS D 40 32.72 -4.46 18.76
N GLU D 41 33.98 -4.63 19.15
CA GLU D 41 34.45 -5.94 19.57
C GLU D 41 33.89 -6.34 20.93
N ALA D 42 33.59 -5.36 21.79
CA ALA D 42 33.03 -5.68 23.10
C ALA D 42 31.61 -6.21 22.99
N HIS D 43 30.88 -5.83 21.94
CA HIS D 43 29.50 -6.25 21.75
C HIS D 43 29.33 -7.08 20.47
N ALA D 44 30.40 -7.72 20.00
CA ALA D 44 30.33 -8.49 18.77
C ALA D 44 29.49 -9.75 18.95
N LYS D 45 29.54 -10.37 20.13
CA LYS D 45 28.81 -11.61 20.36
C LYS D 45 27.32 -11.39 20.61
N GLU D 46 26.88 -10.15 20.82
CA GLU D 46 25.49 -9.84 21.11
C GLU D 46 24.76 -9.24 19.92
N ASP D 47 25.33 -9.30 18.73
CA ASP D 47 24.71 -8.74 17.54
C ASP D 47 24.23 -9.88 16.63
N PRO D 48 22.94 -10.19 16.63
CA PRO D 48 22.46 -11.29 15.77
C PRO D 48 22.70 -11.07 14.29
N LEU D 49 22.63 -9.82 13.81
CA LEU D 49 22.87 -9.57 12.40
C LEU D 49 24.31 -9.89 12.01
N LEU D 50 25.27 -9.46 12.83
CA LEU D 50 26.67 -9.76 12.55
C LEU D 50 26.96 -11.24 12.70
N THR D 51 26.55 -11.82 13.83
CA THR D 51 26.75 -13.26 14.09
C THR D 51 25.38 -13.91 14.22
N PRO D 52 24.89 -14.59 13.19
CA PRO D 52 23.55 -15.18 13.27
C PRO D 52 23.42 -16.17 14.42
N VAL D 53 22.32 -16.06 15.15
CA VAL D 53 22.01 -16.95 16.26
C VAL D 53 21.36 -18.21 15.69
N PRO D 54 21.35 -19.33 16.42
CA PRO D 54 20.69 -20.54 15.90
C PRO D 54 19.21 -20.28 15.62
N ALA D 55 18.70 -21.00 14.61
CA ALA D 55 17.33 -20.76 14.16
C ALA D 55 16.31 -21.02 15.26
N SER D 56 16.65 -21.87 16.24
CA SER D 56 15.72 -22.11 17.34
C SER D 56 15.48 -20.85 18.16
N GLU D 57 16.48 -19.97 18.24
CA GLU D 57 16.36 -18.73 18.99
C GLU D 57 15.82 -17.58 18.15
N ASN D 58 15.59 -17.78 16.86
CA ASN D 58 15.04 -16.73 16.01
C ASN D 58 13.57 -16.52 16.32
N PRO D 59 13.16 -15.32 16.73
CA PRO D 59 11.73 -15.06 16.91
C PRO D 59 10.97 -14.93 15.59
N PHE D 60 11.67 -14.81 14.47
CA PHE D 60 11.03 -14.57 13.18
C PHE D 60 11.08 -15.78 12.23
N ARG D 61 12.11 -16.62 12.35
CA ARG D 61 12.17 -17.82 11.51
C ARG D 61 11.02 -18.77 11.84
N GLU D 62 10.74 -18.95 13.12
CA GLU D 62 9.67 -19.85 13.55
C GLU D 62 9.23 -19.52 14.98
N HIS E 138 -18.60 -37.17 -54.92
CA HIS E 138 -19.84 -37.62 -55.55
C HIS E 138 -21.02 -37.52 -54.59
N PHE E 139 -21.47 -38.66 -54.09
CA PHE E 139 -22.65 -38.74 -53.24
C PHE E 139 -22.34 -39.64 -52.05
N LEU E 140 -22.91 -39.32 -50.90
CA LEU E 140 -22.76 -40.13 -49.70
C LEU E 140 -24.00 -40.01 -48.85
N GLU E 141 -24.47 -41.13 -48.31
CA GLU E 141 -25.60 -41.14 -47.38
C GLU E 141 -25.04 -41.03 -45.96
N ILE E 142 -25.29 -39.89 -45.32
CA ILE E 142 -24.77 -39.60 -43.99
C ILE E 142 -25.93 -39.24 -43.09
N ASP E 143 -26.32 -40.17 -42.21
CA ASP E 143 -27.31 -39.93 -41.16
C ASP E 143 -28.62 -39.42 -41.76
N LYS E 144 -29.22 -40.30 -42.56
CA LYS E 144 -30.57 -40.12 -43.14
C LYS E 144 -30.73 -38.76 -43.83
N LYS E 145 -29.66 -38.30 -44.48
CA LYS E 145 -29.74 -37.11 -45.33
C LYS E 145 -28.66 -37.21 -46.41
N ASN E 146 -28.99 -36.72 -47.60
CA ASN E 146 -28.14 -36.88 -48.78
C ASN E 146 -27.05 -35.82 -48.77
N CYS E 147 -25.85 -36.17 -48.32
CA CYS E 147 -24.75 -35.23 -48.25
C CYS E 147 -23.68 -35.57 -49.28
N CYS E 148 -23.33 -34.60 -50.12
CA CYS E 148 -22.38 -34.80 -51.20
C CYS E 148 -20.98 -34.42 -50.71
N VAL E 149 -20.06 -35.38 -50.75
CA VAL E 149 -18.71 -35.21 -50.22
C VAL E 149 -17.73 -35.41 -51.37
N PHE E 150 -16.76 -34.50 -51.48
CA PHE E 150 -15.79 -34.52 -52.56
C PHE E 150 -14.39 -34.77 -52.00
N ARG E 151 -13.51 -35.24 -52.87
CA ARG E 151 -12.09 -35.47 -52.56
C ARG E 151 -11.28 -34.90 -53.73
N ASP E 152 -10.94 -33.62 -53.65
CA ASP E 152 -10.21 -32.94 -54.70
C ASP E 152 -8.71 -33.17 -54.55
N ASP E 153 -8.03 -33.40 -55.67
CA ASP E 153 -6.58 -33.57 -55.64
C ASP E 153 -5.87 -32.25 -55.34
N PHE E 154 -6.51 -31.12 -55.65
CA PHE E 154 -5.91 -29.82 -55.38
C PHE E 154 -5.72 -29.56 -53.89
N ILE E 155 -6.49 -30.25 -53.04
CA ILE E 155 -6.35 -30.06 -51.60
C ILE E 155 -5.00 -30.56 -51.12
N VAL E 156 -4.51 -31.66 -51.71
CA VAL E 156 -3.29 -32.30 -51.24
C VAL E 156 -2.07 -31.42 -51.39
N LYS E 157 -2.06 -30.51 -52.38
CA LYS E 157 -0.86 -29.75 -52.70
C LYS E 157 -0.88 -28.30 -52.23
N VAL E 158 -2.02 -27.79 -51.74
CA VAL E 158 -2.14 -26.39 -51.34
C VAL E 158 -2.37 -26.24 -49.84
N LEU E 159 -3.12 -27.16 -49.22
CA LEU E 159 -3.47 -27.01 -47.81
C LEU E 159 -2.36 -27.46 -46.86
N PRO E 160 -1.68 -28.58 -47.10
CA PRO E 160 -0.60 -28.99 -46.18
C PRO E 160 0.47 -27.92 -46.00
N PRO E 161 0.90 -27.19 -47.07
CA PRO E 161 1.91 -26.15 -46.83
C PRO E 161 1.32 -24.87 -46.24
N VAL E 162 0.10 -24.51 -46.63
CA VAL E 162 -0.54 -23.33 -46.05
C VAL E 162 -0.74 -23.53 -44.55
N LEU E 163 -1.26 -24.69 -44.16
CA LEU E 163 -1.44 -24.98 -42.74
C LEU E 163 -0.12 -25.19 -42.02
N GLY E 164 0.93 -25.60 -42.73
CA GLY E 164 2.23 -25.74 -42.10
C GLY E 164 2.83 -24.42 -41.66
N LEU E 165 2.69 -23.39 -42.50
CA LEU E 165 3.23 -22.07 -42.17
C LEU E 165 2.51 -21.48 -40.96
N GLU E 166 1.19 -21.66 -40.88
CA GLU E 166 0.43 -21.11 -39.76
C GLU E 166 0.82 -21.78 -38.45
N PHE E 167 1.09 -23.08 -38.48
CA PHE E 167 1.45 -23.79 -37.25
C PHE E 167 2.85 -23.39 -36.78
N ILE E 168 3.82 -23.37 -37.68
CA ILE E 168 5.21 -23.18 -37.27
C ILE E 168 5.39 -21.80 -36.64
N PHE E 169 4.80 -20.76 -37.23
CA PHE E 169 4.88 -19.43 -36.62
C PHE E 169 3.93 -19.31 -35.44
N GLY E 170 2.79 -20.01 -35.49
CA GLY E 170 1.83 -19.93 -34.41
C GLY E 170 2.37 -20.44 -33.09
N LEU E 171 3.10 -21.56 -33.13
CA LEU E 171 3.72 -22.08 -31.92
C LEU E 171 4.74 -21.10 -31.37
N LEU E 172 5.55 -20.48 -32.25
CA LEU E 172 6.51 -19.48 -31.81
C LEU E 172 5.82 -18.20 -31.36
N GLY E 173 4.66 -17.90 -31.92
CA GLY E 173 3.93 -16.70 -31.55
C GLY E 173 3.17 -16.84 -30.25
N ASN E 174 2.18 -17.73 -30.23
CA ASN E 174 1.34 -17.89 -29.04
C ASN E 174 2.12 -18.53 -27.90
N GLY E 175 3.02 -19.46 -28.22
CA GLY E 175 3.83 -20.08 -27.17
C GLY E 175 4.72 -19.07 -26.45
N LEU E 176 5.38 -18.19 -27.21
CA LEU E 176 6.17 -17.14 -26.59
C LEU E 176 5.28 -16.17 -25.82
N ALA E 177 4.14 -15.80 -26.39
CA ALA E 177 3.24 -14.85 -25.72
C ALA E 177 2.72 -15.42 -24.41
N LEU E 178 2.40 -16.71 -24.39
CA LEU E 178 1.96 -17.33 -23.14
C LEU E 178 3.07 -17.32 -22.10
N TRP E 179 4.33 -17.47 -22.53
CA TRP E 179 5.44 -17.43 -21.59
C TRP E 179 5.57 -16.07 -20.93
N ILE E 180 5.41 -15.00 -21.70
CA ILE E 180 5.54 -13.64 -21.15
C ILE E 180 4.42 -13.36 -20.14
N PHE E 181 3.22 -13.86 -20.41
CA PHE E 181 2.08 -13.55 -19.56
C PHE E 181 2.25 -14.10 -18.15
N CYS E 182 2.90 -15.26 -18.03
CA CYS E 182 3.01 -15.94 -16.74
C CYS E 182 4.28 -15.54 -15.98
N PHE E 183 5.44 -15.74 -16.61
CA PHE E 183 6.72 -15.58 -15.91
C PHE E 183 7.38 -14.23 -16.16
N HIS E 184 6.90 -13.44 -17.12
CA HIS E 184 7.51 -12.15 -17.43
C HIS E 184 6.60 -10.97 -17.11
N LEU E 185 5.53 -11.18 -16.37
CA LEU E 185 4.60 -10.11 -16.01
C LEU E 185 4.48 -10.03 -14.50
N LYS E 186 4.45 -8.81 -13.97
CA LYS E 186 4.42 -8.58 -12.53
C LYS E 186 3.00 -8.39 -12.01
N SER E 187 2.25 -7.44 -12.59
CA SER E 187 0.90 -7.12 -12.16
C SER E 187 -0.09 -7.54 -13.23
N TRP E 188 -1.22 -8.09 -12.80
CA TRP E 188 -2.29 -8.53 -13.69
C TRP E 188 -3.52 -7.66 -13.50
N LYS E 189 -4.03 -7.10 -14.58
CA LYS E 189 -5.26 -6.33 -14.58
C LYS E 189 -6.33 -7.07 -15.35
N SER E 190 -7.58 -6.62 -15.18
CA SER E 190 -8.70 -7.30 -15.83
C SER E 190 -8.57 -7.26 -17.35
N SER E 191 -7.98 -6.20 -17.89
CA SER E 191 -7.77 -6.13 -19.33
C SER E 191 -6.78 -7.19 -19.80
N ARG E 192 -5.71 -7.41 -19.03
CA ARG E 192 -4.73 -8.42 -19.40
C ARG E 192 -5.23 -9.84 -19.17
N ILE E 193 -6.20 -10.01 -18.27
CA ILE E 193 -6.81 -11.33 -18.09
C ILE E 193 -7.55 -11.75 -19.34
N PHE E 194 -8.33 -10.83 -19.93
CA PHE E 194 -9.07 -11.14 -21.15
C PHE E 194 -8.13 -11.44 -22.31
N LEU E 195 -7.02 -10.71 -22.40
CA LEU E 195 -6.03 -11.02 -23.43
C LEU E 195 -5.37 -12.37 -23.19
N PHE E 196 -5.22 -12.76 -21.92
CA PHE E 196 -4.62 -14.06 -21.61
C PHE E 196 -5.46 -15.21 -22.13
N ASN E 197 -6.78 -15.12 -21.97
CA ASN E 197 -7.67 -16.16 -22.47
C ASN E 197 -7.57 -16.30 -23.98
N LEU E 198 -7.43 -15.18 -24.68
CA LEU E 198 -7.29 -15.22 -26.14
C LEU E 198 -6.02 -15.95 -26.55
N ALA E 199 -4.93 -15.74 -25.81
CA ALA E 199 -3.69 -16.45 -26.10
C ALA E 199 -3.84 -17.95 -25.87
N VAL E 200 -4.55 -18.33 -24.82
CA VAL E 200 -4.79 -19.76 -24.55
C VAL E 200 -5.66 -20.36 -25.64
N ALA E 201 -6.73 -19.65 -26.02
CA ALA E 201 -7.63 -20.17 -27.04
C ALA E 201 -6.92 -20.33 -28.38
N ASP E 202 -6.09 -19.35 -28.75
CA ASP E 202 -5.33 -19.47 -29.99
C ASP E 202 -4.33 -20.62 -29.92
N PHE E 203 -3.71 -20.81 -28.75
CA PHE E 203 -2.71 -21.86 -28.60
C PHE E 203 -3.31 -23.24 -28.80
N LEU E 204 -4.49 -23.48 -28.22
CA LEU E 204 -5.13 -24.78 -28.35
C LEU E 204 -5.58 -25.06 -29.78
N LEU E 205 -5.97 -24.02 -30.52
CA LEU E 205 -6.35 -24.20 -31.92
C LEU E 205 -5.13 -24.52 -32.79
N ILE E 206 -3.96 -23.98 -32.45
CA ILE E 206 -2.78 -24.19 -33.26
C ILE E 206 -2.30 -25.64 -33.18
N ILE E 207 -2.32 -26.22 -31.97
CA ILE E 207 -1.81 -27.58 -31.79
C ILE E 207 -2.69 -28.63 -32.46
N CYS E 208 -3.87 -28.25 -32.95
CA CYS E 208 -4.71 -29.15 -33.71
C CYS E 208 -4.44 -29.11 -35.21
N LEU E 209 -3.54 -28.22 -35.65
CA LEU E 209 -3.24 -28.11 -37.07
C LEU E 209 -2.61 -29.37 -37.68
N PRO E 210 -1.59 -30.00 -37.09
CA PRO E 210 -0.95 -31.10 -37.81
C PRO E 210 -1.80 -32.35 -37.92
N PHE E 211 -2.79 -32.53 -37.03
CA PHE E 211 -3.79 -33.57 -37.25
C PHE E 211 -4.61 -33.27 -38.50
N LEU E 212 -4.96 -32.00 -38.70
CA LEU E 212 -5.62 -31.60 -39.94
C LEU E 212 -4.70 -31.78 -41.14
N MET E 213 -3.42 -31.47 -40.99
CA MET E 213 -2.48 -31.62 -42.09
C MET E 213 -2.36 -33.08 -42.51
N ASP E 214 -2.33 -34.00 -41.54
CA ASP E 214 -2.29 -35.42 -41.87
C ASP E 214 -3.54 -35.83 -42.65
N ASN E 215 -4.70 -35.33 -42.24
CA ASN E 215 -5.93 -35.64 -42.96
C ASN E 215 -5.90 -35.08 -44.39
N TYR E 216 -5.34 -33.89 -44.56
CA TYR E 216 -5.30 -33.27 -45.89
C TYR E 216 -4.27 -33.94 -46.78
N VAL E 217 -3.12 -34.35 -46.22
CA VAL E 217 -2.10 -35.01 -47.03
C VAL E 217 -2.62 -36.31 -47.60
N ARG E 218 -3.34 -37.10 -46.80
CA ARG E 218 -3.87 -38.38 -47.23
C ARG E 218 -5.16 -38.23 -48.01
N ARG E 219 -5.54 -37.01 -48.39
CA ARG E 219 -6.73 -36.74 -49.19
C ARG E 219 -8.00 -37.24 -48.48
N TRP E 220 -8.28 -36.65 -47.32
CA TRP E 220 -9.47 -36.95 -46.53
C TRP E 220 -9.50 -38.42 -46.13
N ASP E 221 -8.47 -38.84 -45.40
CA ASP E 221 -8.27 -40.24 -45.03
C ASP E 221 -7.84 -40.27 -43.57
N TRP E 222 -8.82 -40.41 -42.67
CA TRP E 222 -8.56 -40.33 -41.24
C TRP E 222 -8.30 -41.73 -40.68
N LYS E 223 -7.10 -41.92 -40.13
CA LYS E 223 -6.69 -43.19 -39.51
C LYS E 223 -6.14 -42.94 -38.11
N PHE E 224 -6.89 -42.19 -37.31
CA PHE E 224 -6.51 -41.95 -35.92
C PHE E 224 -7.51 -42.48 -34.92
N GLY E 225 -8.64 -43.01 -35.37
CA GLY E 225 -9.63 -43.60 -34.48
C GLY E 225 -10.94 -42.82 -34.49
N ASP E 226 -11.80 -43.20 -33.55
CA ASP E 226 -13.10 -42.56 -33.41
C ASP E 226 -13.05 -41.42 -32.38
N ILE E 227 -12.57 -41.72 -31.17
CA ILE E 227 -12.47 -40.68 -30.14
C ILE E 227 -11.51 -39.56 -30.55
N PRO E 228 -10.29 -39.84 -31.04
CA PRO E 228 -9.45 -38.72 -31.51
C PRO E 228 -10.09 -37.91 -32.62
N CYS E 229 -10.80 -38.54 -33.54
CA CYS E 229 -11.58 -37.78 -34.52
C CYS E 229 -12.65 -36.96 -33.83
N ARG E 230 -13.30 -37.54 -32.83
CA ARG E 230 -14.30 -36.80 -32.05
C ARG E 230 -13.65 -35.67 -31.26
N LEU E 231 -12.45 -35.92 -30.71
CA LEU E 231 -11.80 -34.91 -29.87
C LEU E 231 -11.25 -33.77 -30.71
N MET E 232 -10.63 -34.08 -31.86
CA MET E 232 -10.00 -33.04 -32.67
C MET E 232 -11.03 -32.06 -33.21
N LEU E 233 -12.20 -32.56 -33.63
CA LEU E 233 -13.25 -31.66 -34.09
C LEU E 233 -13.74 -30.76 -32.97
N PHE E 234 -13.89 -31.30 -31.76
CA PHE E 234 -14.33 -30.49 -30.63
C PHE E 234 -13.34 -29.38 -30.34
N MET E 235 -12.04 -29.68 -30.38
CA MET E 235 -11.03 -28.67 -30.10
C MET E 235 -10.90 -27.64 -31.21
N LEU E 236 -11.47 -27.89 -32.39
CA LEU E 236 -11.47 -26.90 -33.46
C LEU E 236 -12.61 -25.89 -33.27
N ALA E 237 -13.83 -26.39 -33.10
CA ALA E 237 -14.98 -25.50 -32.95
C ALA E 237 -14.94 -24.75 -31.62
N MET E 238 -14.39 -25.37 -30.58
CA MET E 238 -14.33 -24.72 -29.28
C MET E 238 -13.28 -23.63 -29.25
N ASN E 239 -12.10 -23.90 -29.82
CA ASN E 239 -11.04 -22.91 -29.79
C ASN E 239 -11.25 -21.78 -30.78
N ARG E 240 -11.85 -22.07 -31.94
CA ARG E 240 -12.17 -21.01 -32.89
C ARG E 240 -13.20 -20.04 -32.32
N GLN E 241 -14.28 -20.59 -31.76
CA GLN E 241 -15.30 -19.73 -31.18
C GLN E 241 -14.82 -19.08 -29.90
N GLY E 242 -13.94 -19.74 -29.15
CA GLY E 242 -13.39 -19.13 -27.96
C GLY E 242 -12.51 -17.94 -28.27
N SER E 243 -11.70 -18.04 -29.32
CA SER E 243 -10.86 -16.92 -29.72
C SER E 243 -11.70 -15.74 -30.18
N ILE E 244 -12.75 -16.00 -30.96
CA ILE E 244 -13.65 -14.94 -31.38
C ILE E 244 -14.33 -14.31 -30.18
N ILE E 245 -14.68 -15.12 -29.18
CA ILE E 245 -15.29 -14.60 -27.97
C ILE E 245 -14.30 -13.71 -27.21
N PHE E 246 -13.04 -14.14 -27.09
CA PHE E 246 -12.06 -13.30 -26.41
C PHE E 246 -11.32 -12.39 -27.37
N LEU E 247 -12.05 -11.77 -28.30
CA LEU E 247 -11.63 -10.53 -28.94
C LEU E 247 -12.78 -9.54 -29.10
N THR E 248 -14.03 -10.01 -29.10
CA THR E 248 -15.16 -9.11 -28.92
C THR E 248 -15.21 -8.60 -27.48
N VAL E 249 -14.69 -9.38 -26.54
CA VAL E 249 -14.58 -8.92 -25.16
C VAL E 249 -13.52 -7.83 -25.06
N VAL E 250 -12.39 -8.02 -25.73
CA VAL E 250 -11.34 -7.00 -25.74
C VAL E 250 -11.84 -5.73 -26.41
N ALA E 251 -12.54 -5.87 -27.54
CA ALA E 251 -13.05 -4.69 -28.23
C ALA E 251 -14.06 -3.93 -27.37
N VAL E 252 -14.93 -4.65 -26.66
CA VAL E 252 -15.84 -4.01 -25.72
C VAL E 252 -15.07 -3.46 -24.53
N ASP E 253 -14.03 -4.17 -24.09
CA ASP E 253 -13.22 -3.69 -22.97
C ASP E 253 -12.55 -2.36 -23.29
N ARG E 254 -12.01 -2.24 -24.51
CA ARG E 254 -11.39 -0.99 -24.92
C ARG E 254 -12.42 0.09 -25.19
N TYR E 255 -13.64 -0.29 -25.57
CA TYR E 255 -14.70 0.69 -25.79
C TYR E 255 -15.04 1.43 -24.51
N PHE E 256 -15.11 0.72 -23.39
CA PHE E 256 -15.46 1.35 -22.12
C PHE E 256 -14.32 2.18 -21.55
N ARG E 257 -13.10 1.97 -22.02
CA ARG E 257 -11.96 2.71 -21.49
C ARG E 257 -11.72 4.03 -22.20
N VAL E 258 -12.41 4.28 -23.31
CA VAL E 258 -12.24 5.50 -24.07
C VAL E 258 -13.52 6.32 -24.15
N VAL E 259 -14.66 5.66 -24.35
CA VAL E 259 -15.93 6.37 -24.50
C VAL E 259 -16.63 6.60 -23.17
N HIS E 260 -16.41 5.74 -22.17
CA HIS E 260 -16.95 5.92 -20.83
C HIS E 260 -15.82 5.75 -19.82
N PRO E 261 -14.89 6.70 -19.78
CA PRO E 261 -13.69 6.51 -18.94
C PRO E 261 -13.98 6.46 -17.45
N HIS E 262 -15.12 6.99 -17.00
CA HIS E 262 -15.45 7.02 -15.59
C HIS E 262 -16.40 5.91 -15.18
N HIS E 263 -16.71 4.98 -16.08
CA HIS E 263 -17.62 3.89 -15.76
C HIS E 263 -17.01 2.98 -14.70
N ALA E 264 -17.89 2.38 -13.89
CA ALA E 264 -17.42 1.49 -12.84
C ALA E 264 -16.88 0.19 -13.41
N LEU E 265 -17.25 -0.15 -14.65
CA LEU E 265 -16.76 -1.39 -15.27
C LEU E 265 -15.27 -1.34 -15.53
N ASN E 266 -14.70 -0.15 -15.67
CA ASN E 266 -13.27 0.00 -15.92
C ASN E 266 -12.40 -0.37 -14.73
N LYS E 267 -13.01 -0.53 -13.54
CA LYS E 267 -12.26 -0.80 -12.32
C LYS E 267 -12.70 -2.11 -11.67
N ILE E 268 -13.06 -3.10 -12.49
CA ILE E 268 -13.45 -4.39 -11.95
C ILE E 268 -12.21 -5.11 -11.42
N SER E 269 -12.38 -5.80 -10.29
CA SER E 269 -11.27 -6.52 -9.68
C SER E 269 -10.88 -7.73 -10.52
N ASN E 270 -9.67 -8.23 -10.28
CA ASN E 270 -9.20 -9.40 -11.03
C ASN E 270 -10.07 -10.62 -10.78
N ARG E 271 -10.70 -10.70 -9.60
CA ARG E 271 -11.60 -11.83 -9.33
C ARG E 271 -12.82 -11.79 -10.25
N THR E 272 -13.40 -10.60 -10.45
CA THR E 272 -14.57 -10.50 -11.30
C THR E 272 -14.25 -10.90 -12.73
N ALA E 273 -13.06 -10.52 -13.21
CA ALA E 273 -12.65 -10.91 -14.56
C ALA E 273 -12.53 -12.42 -14.68
N ALA E 274 -11.99 -13.08 -13.65
CA ALA E 274 -11.82 -14.53 -13.69
C ALA E 274 -13.16 -15.24 -13.78
N ILE E 275 -14.17 -14.75 -13.04
CA ILE E 275 -15.50 -15.34 -13.12
C ILE E 275 -16.07 -15.18 -14.52
N ILE E 276 -15.91 -14.00 -15.12
CA ILE E 276 -16.42 -13.77 -16.47
C ILE E 276 -15.67 -14.65 -17.48
N SER E 277 -14.35 -14.77 -17.32
CA SER E 277 -13.58 -15.62 -18.22
C SER E 277 -14.02 -17.07 -18.13
N CYS E 278 -14.23 -17.57 -16.91
CA CYS E 278 -14.72 -18.93 -16.74
C CYS E 278 -16.13 -19.08 -17.29
N LEU E 279 -16.97 -18.08 -17.08
CA LEU E 279 -18.33 -18.12 -17.63
C LEU E 279 -18.31 -18.12 -19.15
N LEU E 280 -17.44 -17.29 -19.75
CA LEU E 280 -17.35 -17.27 -21.21
C LEU E 280 -16.80 -18.58 -21.76
N TRP E 281 -15.86 -19.21 -21.03
CA TRP E 281 -15.39 -20.52 -21.42
C TRP E 281 -16.49 -21.57 -21.34
N GLY E 282 -17.42 -21.41 -20.39
CA GLY E 282 -18.52 -22.36 -20.26
C GLY E 282 -19.46 -22.33 -21.46
N ILE E 283 -19.80 -21.13 -21.92
CA ILE E 283 -20.70 -21.02 -23.07
C ILE E 283 -20.03 -21.60 -24.32
N THR E 284 -18.72 -21.41 -24.46
CA THR E 284 -18.01 -21.97 -25.60
C THR E 284 -18.05 -23.50 -25.59
N ILE E 285 -17.79 -24.09 -24.42
CA ILE E 285 -17.83 -25.54 -24.32
C ILE E 285 -19.26 -26.06 -24.42
N GLY E 286 -20.21 -25.36 -23.80
CA GLY E 286 -21.59 -25.79 -23.81
C GLY E 286 -22.26 -25.69 -25.16
N LEU E 287 -21.71 -24.92 -26.08
CA LEU E 287 -22.25 -24.80 -27.42
C LEU E 287 -21.69 -25.84 -28.39
N THR E 288 -20.61 -26.53 -28.01
CA THR E 288 -19.99 -27.52 -28.90
C THR E 288 -19.92 -28.90 -28.26
N VAL E 289 -20.75 -29.16 -27.23
CA VAL E 289 -20.74 -30.46 -26.59
C VAL E 289 -21.26 -31.54 -27.53
N HIS E 290 -22.17 -31.17 -28.43
CA HIS E 290 -22.76 -32.17 -29.33
C HIS E 290 -21.74 -32.79 -30.26
N LEU E 291 -20.59 -32.16 -30.47
CA LEU E 291 -19.48 -32.79 -31.19
C LEU E 291 -18.93 -34.00 -30.46
N LEU E 292 -19.18 -34.12 -29.16
CA LEU E 292 -18.78 -35.29 -28.39
C LEU E 292 -19.87 -36.36 -28.33
N LYS E 293 -21.06 -36.07 -28.85
CA LYS E 293 -22.12 -37.07 -28.92
C LYS E 293 -22.31 -37.63 -30.32
N LYS E 294 -21.96 -36.86 -31.36
CA LYS E 294 -22.13 -37.30 -32.73
C LYS E 294 -21.01 -38.27 -33.09
N LYS E 295 -21.38 -39.53 -33.35
CA LYS E 295 -20.42 -40.54 -33.80
C LYS E 295 -19.91 -40.11 -35.17
N MET E 296 -18.62 -39.78 -35.27
CA MET E 296 -18.17 -39.21 -36.52
C MET E 296 -16.96 -39.98 -37.09
N PRO E 297 -16.97 -41.33 -37.13
CA PRO E 297 -15.98 -42.02 -37.97
C PRO E 297 -16.54 -42.37 -39.34
N ILE E 298 -16.93 -41.38 -40.14
CA ILE E 298 -17.63 -41.67 -41.39
C ILE E 298 -16.74 -42.45 -42.34
N GLN E 299 -17.28 -43.52 -42.90
CA GLN E 299 -16.60 -44.31 -43.92
C GLN E 299 -17.11 -43.87 -45.29
N ASN E 300 -16.21 -43.30 -46.10
CA ASN E 300 -16.54 -42.81 -47.43
C ASN E 300 -15.82 -43.69 -48.45
N GLY E 301 -16.53 -44.67 -49.00
CA GLY E 301 -15.94 -45.61 -49.92
C GLY E 301 -14.82 -46.40 -49.28
N GLY E 302 -13.58 -46.14 -49.71
CA GLY E 302 -12.43 -46.76 -49.10
C GLY E 302 -11.70 -45.80 -48.18
N ALA E 303 -12.37 -44.72 -47.78
CA ALA E 303 -11.75 -43.65 -47.01
C ALA E 303 -12.60 -43.32 -45.78
N ASN E 304 -11.93 -42.85 -44.74
CA ASN E 304 -12.58 -42.38 -43.53
C ASN E 304 -12.33 -40.89 -43.38
N LEU E 305 -13.39 -40.11 -43.20
CA LEU E 305 -13.30 -38.66 -43.13
C LEU E 305 -13.62 -38.16 -41.74
N CYS E 306 -12.89 -37.15 -41.29
CA CYS E 306 -13.12 -36.48 -40.02
C CYS E 306 -13.50 -35.04 -40.35
N SER E 307 -14.78 -34.81 -40.58
CA SER E 307 -15.26 -33.49 -41.00
C SER E 307 -16.75 -33.38 -40.72
N SER E 308 -17.16 -32.28 -40.11
CA SER E 308 -18.57 -31.96 -39.91
C SER E 308 -19.08 -30.92 -40.87
N PHE E 309 -18.25 -30.46 -41.81
CA PHE E 309 -18.63 -29.46 -42.80
C PHE E 309 -18.90 -30.18 -44.11
N SER E 310 -20.10 -30.71 -44.25
CA SER E 310 -20.51 -31.42 -45.46
C SER E 310 -21.74 -30.76 -46.04
N ILE E 311 -21.80 -30.72 -47.38
CA ILE E 311 -22.82 -29.96 -48.09
C ILE E 311 -24.02 -30.88 -48.27
N CYS E 312 -25.14 -30.53 -47.65
CA CYS E 312 -26.40 -31.23 -47.87
C CYS E 312 -27.58 -30.39 -47.42
N HIS E 313 -28.77 -30.90 -47.73
CA HIS E 313 -30.00 -30.11 -47.90
C HIS E 313 -30.87 -30.12 -46.65
N THR E 314 -30.25 -30.13 -45.47
CA THR E 314 -30.98 -30.05 -44.21
C THR E 314 -30.49 -28.85 -43.42
N PHE E 315 -31.43 -28.17 -42.76
CA PHE E 315 -31.09 -27.03 -41.91
C PHE E 315 -30.44 -27.59 -40.65
N GLN E 316 -29.12 -27.71 -40.70
CA GLN E 316 -28.34 -28.18 -39.55
C GLN E 316 -27.89 -26.96 -38.76
N TRP E 317 -28.33 -26.85 -37.51
CA TRP E 317 -27.75 -25.86 -36.63
C TRP E 317 -26.33 -26.32 -36.33
N HIS E 318 -25.45 -25.38 -35.96
CA HIS E 318 -23.99 -25.41 -36.05
C HIS E 318 -23.51 -25.06 -37.45
N GLU E 319 -24.40 -24.87 -38.42
CA GLU E 319 -24.05 -24.26 -39.70
C GLU E 319 -24.48 -22.80 -39.79
N ALA E 320 -25.66 -22.47 -39.29
CA ALA E 320 -26.03 -21.07 -39.11
C ALA E 320 -25.26 -20.42 -37.97
N MET E 321 -24.83 -21.21 -36.98
CA MET E 321 -23.97 -20.68 -35.94
C MET E 321 -22.59 -20.33 -36.48
N PHE E 322 -22.17 -21.00 -37.55
CA PHE E 322 -20.93 -20.62 -38.23
C PHE E 322 -21.02 -19.19 -38.75
N LEU E 323 -22.18 -18.81 -39.29
CA LEU E 323 -22.38 -17.42 -39.70
C LEU E 323 -22.55 -16.51 -38.49
N LEU E 324 -23.03 -17.04 -37.38
CA LEU E 324 -23.22 -16.21 -36.19
C LEU E 324 -21.89 -15.83 -35.55
N GLU E 325 -20.86 -16.66 -35.73
CA GLU E 325 -19.54 -16.32 -35.20
C GLU E 325 -18.92 -15.12 -35.90
N PHE E 326 -19.46 -14.69 -37.03
CA PHE E 326 -18.91 -13.58 -37.79
C PHE E 326 -19.81 -12.35 -37.77
N PHE E 327 -21.10 -12.52 -38.06
CA PHE E 327 -21.99 -11.37 -38.16
C PHE E 327 -22.13 -10.65 -36.82
N LEU E 328 -22.40 -11.41 -35.76
CA LEU E 328 -22.60 -10.79 -34.45
C LEU E 328 -21.35 -10.08 -33.93
N PRO E 329 -20.16 -10.68 -33.93
CA PRO E 329 -18.96 -9.91 -33.55
C PRO E 329 -18.66 -8.76 -34.50
N LEU E 330 -19.04 -8.86 -35.78
CA LEU E 330 -18.84 -7.75 -36.69
C LEU E 330 -19.66 -6.55 -36.28
N GLY E 331 -20.91 -6.77 -35.87
CA GLY E 331 -21.75 -5.67 -35.43
C GLY E 331 -21.32 -5.06 -34.11
N ILE E 332 -20.41 -5.71 -33.40
CA ILE E 332 -19.88 -5.19 -32.15
C ILE E 332 -18.50 -4.55 -32.34
N ILE E 333 -17.61 -5.21 -33.07
CA ILE E 333 -16.27 -4.66 -33.27
C ILE E 333 -16.33 -3.40 -34.12
N LEU E 334 -17.10 -3.42 -35.21
CA LEU E 334 -17.19 -2.25 -36.08
C LEU E 334 -17.80 -1.07 -35.34
N PHE E 335 -18.84 -1.31 -34.54
CA PHE E 335 -19.44 -0.24 -33.77
C PHE E 335 -18.48 0.29 -32.71
N CYS E 336 -17.77 -0.61 -32.02
CA CYS E 336 -16.87 -0.19 -30.96
C CYS E 336 -15.64 0.50 -31.52
N SER E 337 -15.06 -0.03 -32.60
CA SER E 337 -13.87 0.58 -33.18
C SER E 337 -14.16 1.97 -33.73
N ALA E 338 -15.33 2.15 -34.35
CA ALA E 338 -15.70 3.47 -34.85
C ALA E 338 -15.90 4.47 -33.71
N ARG E 339 -16.55 4.05 -32.62
CA ARG E 339 -16.81 4.97 -31.52
C ARG E 339 -15.53 5.33 -30.77
N ILE E 340 -14.59 4.38 -30.66
CA ILE E 340 -13.32 4.68 -29.98
C ILE E 340 -12.55 5.74 -30.75
N ILE E 341 -12.45 5.59 -32.06
CA ILE E 341 -11.69 6.53 -32.87
C ILE E 341 -12.41 7.88 -32.96
N TRP E 342 -13.74 7.86 -33.06
CA TRP E 342 -14.49 9.11 -33.14
C TRP E 342 -14.33 9.93 -31.87
N SER E 343 -14.35 9.28 -30.71
CA SER E 343 -14.20 10.00 -29.44
C SER E 343 -12.81 10.58 -29.31
N LEU E 344 -11.78 9.85 -29.73
CA LEU E 344 -10.42 10.36 -29.67
C LEU E 344 -10.18 11.49 -30.66
N ARG E 345 -11.10 11.72 -31.59
CA ARG E 345 -11.01 12.82 -32.53
C ARG E 345 -11.98 13.95 -32.24
N GLN E 346 -13.14 13.64 -31.65
CA GLN E 346 -14.03 14.71 -31.19
C GLN E 346 -13.35 15.56 -30.14
N ARG E 347 -12.66 14.91 -29.21
CA ARG E 347 -11.70 15.60 -28.36
C ARG E 347 -10.36 15.64 -29.08
N GLN E 348 -9.69 16.80 -29.05
CA GLN E 348 -8.44 16.99 -29.78
C GLN E 348 -7.30 16.25 -29.09
N MET E 349 -7.47 14.92 -29.00
CA MET E 349 -6.53 14.06 -28.30
C MET E 349 -5.67 13.23 -29.26
N ASP E 350 -5.97 13.27 -30.55
CA ASP E 350 -5.24 12.47 -31.52
C ASP E 350 -3.89 13.09 -31.88
N ARG E 351 -3.66 14.34 -31.49
CA ARG E 351 -2.41 15.01 -31.81
C ARG E 351 -1.22 14.39 -31.07
N HIS E 352 -1.49 13.57 -30.06
CA HIS E 352 -0.43 12.84 -29.38
C HIS E 352 0.20 11.82 -30.31
N ALA E 353 1.46 11.51 -30.05
CA ALA E 353 2.18 10.50 -30.83
C ALA E 353 1.77 9.09 -30.48
N LYS E 354 1.58 8.79 -29.19
CA LYS E 354 1.18 7.44 -28.78
C LYS E 354 -0.30 7.21 -29.02
N ILE E 355 -1.13 8.24 -28.84
CA ILE E 355 -2.57 8.10 -29.07
C ILE E 355 -2.84 7.78 -30.53
N LYS E 356 -2.19 8.51 -31.44
CA LYS E 356 -2.40 8.26 -32.87
C LYS E 356 -1.94 6.88 -33.27
N ARG E 357 -0.88 6.36 -32.63
CA ARG E 357 -0.45 4.99 -32.89
C ARG E 357 -1.51 3.99 -32.45
N ALA E 358 -2.14 4.23 -31.30
CA ALA E 358 -3.18 3.32 -30.82
C ALA E 358 -4.41 3.37 -31.71
N ILE E 359 -4.68 4.53 -32.32
CA ILE E 359 -5.83 4.66 -33.21
C ILE E 359 -5.69 3.72 -34.41
N THR E 360 -4.48 3.65 -34.98
CA THR E 360 -4.27 2.77 -36.14
C THR E 360 -4.46 1.31 -35.77
N PHE E 361 -3.99 0.90 -34.60
CA PHE E 361 -4.12 -0.51 -34.20
C PHE E 361 -5.53 -0.88 -33.79
N ILE E 362 -6.41 0.11 -33.57
CA ILE E 362 -7.84 -0.20 -33.45
C ILE E 362 -8.39 -0.64 -34.81
N MET E 363 -7.91 -0.02 -35.89
CA MET E 363 -8.32 -0.41 -37.23
C MET E 363 -7.66 -1.70 -37.68
N VAL E 364 -6.47 -2.01 -37.16
CA VAL E 364 -5.77 -3.23 -37.56
C VAL E 364 -6.57 -4.46 -37.14
N VAL E 365 -7.06 -4.47 -35.90
CA VAL E 365 -7.83 -5.61 -35.42
C VAL E 365 -9.17 -5.72 -36.13
N ALA E 366 -9.71 -4.59 -36.59
CA ALA E 366 -10.97 -4.62 -37.32
C ALA E 366 -10.79 -5.02 -38.78
N ILE E 367 -9.56 -5.02 -39.29
CA ILE E 367 -9.28 -5.43 -40.65
C ILE E 367 -8.77 -6.87 -40.70
N VAL E 368 -7.91 -7.25 -39.76
CA VAL E 368 -7.44 -8.63 -39.68
C VAL E 368 -8.60 -9.57 -39.42
N PHE E 369 -9.55 -9.17 -38.57
CA PHE E 369 -10.71 -10.01 -38.30
C PHE E 369 -11.54 -10.23 -39.56
N VAL E 370 -11.76 -9.18 -40.34
CA VAL E 370 -12.55 -9.32 -41.56
C VAL E 370 -11.78 -10.13 -42.60
N ILE E 371 -10.47 -9.91 -42.71
CA ILE E 371 -9.67 -10.63 -43.70
C ILE E 371 -9.67 -12.13 -43.41
N CYS E 372 -9.57 -12.50 -42.13
CA CYS E 372 -9.41 -13.90 -41.75
C CYS E 372 -10.73 -14.65 -41.62
N PHE E 373 -11.88 -13.97 -41.71
CA PHE E 373 -13.16 -14.64 -41.49
C PHE E 373 -14.20 -14.39 -42.58
N LEU E 374 -14.14 -13.28 -43.30
CA LEU E 374 -15.09 -13.04 -44.39
C LEU E 374 -15.00 -14.07 -45.50
N PRO E 375 -13.82 -14.45 -46.01
CA PRO E 375 -13.79 -15.41 -47.14
C PRO E 375 -14.47 -16.73 -46.85
N SER E 376 -14.33 -17.27 -45.63
CA SER E 376 -14.96 -18.54 -45.32
C SER E 376 -16.47 -18.40 -45.22
N VAL E 377 -16.94 -17.24 -44.74
CA VAL E 377 -18.38 -17.05 -44.58
C VAL E 377 -19.06 -16.88 -45.93
N VAL E 378 -18.48 -16.06 -46.82
CA VAL E 378 -19.15 -15.73 -48.08
C VAL E 378 -19.30 -16.97 -48.95
N VAL E 379 -18.34 -17.89 -48.88
CA VAL E 379 -18.49 -19.15 -49.61
C VAL E 379 -19.67 -19.95 -49.09
N ARG E 380 -19.88 -19.93 -47.77
CA ARG E 380 -20.94 -20.73 -47.17
C ARG E 380 -22.33 -20.24 -47.55
N ILE E 381 -22.52 -18.92 -47.72
CA ILE E 381 -23.81 -18.45 -48.21
C ILE E 381 -24.04 -18.89 -49.64
N ARG E 382 -22.98 -18.91 -50.46
CA ARG E 382 -23.10 -19.41 -51.81
C ARG E 382 -23.54 -20.87 -51.83
N ILE E 383 -23.02 -21.67 -50.89
CA ILE E 383 -23.51 -23.04 -50.73
C ILE E 383 -24.98 -23.06 -50.36
N PHE E 384 -25.39 -22.19 -49.44
CA PHE E 384 -26.80 -22.11 -49.07
C PHE E 384 -27.65 -21.65 -50.25
N TRP E 385 -27.11 -20.75 -51.08
CA TRP E 385 -27.85 -20.31 -52.26
C TRP E 385 -28.05 -21.46 -53.24
N LEU E 386 -27.00 -22.27 -53.44
CA LEU E 386 -27.12 -23.40 -54.36
C LEU E 386 -28.11 -24.44 -53.85
N LEU E 387 -28.13 -24.66 -52.53
CA LEU E 387 -29.01 -25.67 -51.97
C LEU E 387 -30.48 -25.33 -52.21
N HIS E 388 -30.84 -24.05 -52.07
CA HIS E 388 -32.24 -23.66 -52.23
C HIS E 388 -32.67 -23.73 -53.68
N THR E 389 -31.78 -23.39 -54.61
CA THR E 389 -32.16 -23.30 -56.02
C THR E 389 -31.84 -24.56 -56.81
N SER E 390 -30.66 -25.15 -56.63
CA SER E 390 -30.26 -26.34 -57.39
C SER E 390 -30.53 -27.62 -56.64
N GLY E 391 -30.12 -27.71 -55.39
CA GLY E 391 -30.39 -28.89 -54.58
C GLY E 391 -29.31 -29.93 -54.65
N THR E 392 -29.53 -31.00 -53.88
CA THR E 392 -28.59 -32.11 -53.75
C THR E 392 -28.69 -33.09 -54.92
N GLN E 393 -29.76 -33.01 -55.71
CA GLN E 393 -30.03 -34.03 -56.73
C GLN E 393 -28.87 -34.19 -57.72
N ASN E 394 -28.05 -33.15 -57.88
CA ASN E 394 -26.88 -33.23 -58.76
C ASN E 394 -25.70 -32.61 -58.01
N CYS E 395 -24.88 -33.44 -57.39
CA CYS E 395 -23.68 -32.96 -56.72
C CYS E 395 -22.51 -32.84 -57.69
N GLU E 396 -22.70 -32.05 -58.75
CA GLU E 396 -21.63 -31.69 -59.65
C GLU E 396 -21.35 -30.19 -59.69
N VAL E 397 -22.36 -29.34 -59.48
CA VAL E 397 -22.14 -27.91 -59.40
C VAL E 397 -21.46 -27.50 -58.10
N TYR E 398 -21.31 -28.42 -57.15
CA TYR E 398 -20.60 -28.16 -55.91
C TYR E 398 -19.13 -28.54 -55.99
N ARG E 399 -18.64 -28.93 -57.16
CA ARG E 399 -17.25 -29.37 -57.29
C ARG E 399 -16.29 -28.24 -56.98
N SER E 400 -16.57 -27.03 -57.47
CA SER E 400 -15.63 -25.92 -57.33
C SER E 400 -15.79 -25.21 -55.99
N VAL E 401 -17.03 -24.97 -55.55
CA VAL E 401 -17.25 -24.21 -54.33
C VAL E 401 -16.74 -24.97 -53.11
N ASP E 402 -16.94 -26.29 -53.08
CA ASP E 402 -16.48 -27.09 -51.95
C ASP E 402 -14.97 -27.00 -51.80
N LEU E 403 -14.24 -27.04 -52.93
CA LEU E 403 -12.79 -26.84 -52.88
C LEU E 403 -12.46 -25.45 -52.37
N ALA E 404 -13.23 -24.44 -52.78
CA ALA E 404 -12.97 -23.07 -52.36
C ALA E 404 -13.22 -22.88 -50.87
N PHE E 405 -14.23 -23.57 -50.33
CA PHE E 405 -14.57 -23.37 -48.92
C PHE E 405 -13.43 -23.80 -48.01
N PHE E 406 -12.85 -24.97 -48.26
CA PHE E 406 -11.73 -25.42 -47.44
C PHE E 406 -10.47 -24.60 -47.69
N ILE E 407 -10.41 -23.89 -48.83
CA ILE E 407 -9.33 -22.92 -49.04
C ILE E 407 -9.52 -21.73 -48.11
N THR E 408 -10.74 -21.19 -48.06
CA THR E 408 -11.00 -20.01 -47.24
C THR E 408 -10.98 -20.35 -45.76
N LEU E 409 -11.38 -21.58 -45.40
CA LEU E 409 -11.31 -21.99 -44.00
C LEU E 409 -9.88 -22.04 -43.49
N SER E 410 -8.90 -22.13 -44.40
CA SER E 410 -7.51 -22.03 -43.99
C SER E 410 -7.17 -20.63 -43.49
N PHE E 411 -7.84 -19.61 -44.04
CA PHE E 411 -7.63 -18.25 -43.58
C PHE E 411 -8.20 -18.01 -42.19
N THR E 412 -9.08 -18.89 -41.71
CA THR E 412 -9.56 -18.77 -40.34
C THR E 412 -8.44 -18.98 -39.34
N TYR E 413 -7.55 -19.94 -39.60
CA TYR E 413 -6.38 -20.16 -38.76
C TYR E 413 -5.34 -19.06 -38.92
N MET E 414 -5.48 -18.18 -39.91
CA MET E 414 -4.58 -17.06 -40.05
C MET E 414 -4.69 -16.11 -38.87
N ASN E 415 -5.92 -15.91 -38.38
CA ASN E 415 -6.14 -14.99 -37.26
C ASN E 415 -5.43 -15.48 -36.00
N SER E 416 -5.46 -16.78 -35.74
CA SER E 416 -4.82 -17.31 -34.54
C SER E 416 -3.30 -17.19 -34.59
N MET E 417 -2.73 -16.91 -35.76
CA MET E 417 -1.31 -16.70 -35.89
C MET E 417 -0.91 -15.23 -35.84
N LEU E 418 -1.72 -14.35 -36.42
CA LEU E 418 -1.44 -12.92 -36.43
C LEU E 418 -1.83 -12.24 -35.12
N ASP E 419 -2.63 -12.89 -34.28
CA ASP E 419 -3.07 -12.26 -33.03
C ASP E 419 -1.92 -11.92 -32.10
N PRO E 420 -0.92 -12.80 -31.85
CA PRO E 420 0.16 -12.40 -30.94
C PRO E 420 0.91 -11.16 -31.39
N VAL E 421 1.11 -10.97 -32.70
CA VAL E 421 1.84 -9.80 -33.20
C VAL E 421 0.94 -8.58 -33.31
N VAL E 422 -0.35 -8.70 -33.04
CA VAL E 422 -1.26 -7.58 -33.11
C VAL E 422 -1.79 -7.17 -31.74
N TYR E 423 -1.92 -8.10 -30.79
CA TYR E 423 -2.50 -7.82 -29.49
C TYR E 423 -1.46 -7.72 -28.38
N TYR E 424 -0.41 -8.54 -28.41
CA TYR E 424 0.56 -8.58 -27.33
C TYR E 424 1.90 -7.95 -27.71
N PHE E 425 2.50 -8.38 -28.82
CA PHE E 425 3.82 -7.90 -29.20
C PHE E 425 3.82 -6.45 -29.65
N SER E 426 2.67 -5.88 -29.97
CA SER E 426 2.58 -4.50 -30.44
C SER E 426 2.17 -3.54 -29.34
N SER E 427 2.08 -4.01 -28.10
CA SER E 427 1.74 -3.16 -26.96
C SER E 427 3.02 -2.56 -26.38
N PRO E 428 3.05 -1.26 -26.11
CA PRO E 428 4.26 -0.66 -25.53
C PRO E 428 4.66 -1.28 -24.20
N SER E 429 3.70 -1.72 -23.40
CA SER E 429 4.00 -2.34 -22.12
C SER E 429 4.70 -3.69 -22.30
C1 NAG F . -32.38 -38.09 -51.07
C2 NAG F . -33.51 -37.55 -50.19
C3 NAG F . -34.79 -38.34 -50.46
C4 NAG F . -35.13 -38.34 -51.95
C5 NAG F . -33.93 -38.84 -52.75
C6 NAG F . -34.14 -38.74 -54.24
C7 NAG F . -33.74 -36.83 -47.86
C8 NAG F . -33.24 -37.02 -46.45
N2 NAG F . -33.16 -37.60 -48.78
O3 NAG F . -35.87 -37.77 -49.72
O4 NAG F . -36.24 -39.18 -52.19
O5 NAG F . -32.77 -38.05 -52.45
O6 NAG F . -34.16 -37.39 -54.68
O7 NAG F . -34.61 -36.02 -48.13
C10 FI7 G . -21.23 -24.85 -32.21
C13 FI7 G . -19.81 -23.39 -33.44
C17 FI7 G . -15.46 -28.85 -38.60
C20 FI7 G . -13.24 -28.98 -39.60
C21 FI7 G . -12.43 -28.02 -40.15
C22 FI7 G . -12.13 -26.76 -39.45
C26 FI7 G . -11.65 -29.67 -41.86
C28 FI7 G . -13.23 -30.40 -40.07
C01 FI7 G . -15.47 -27.25 -36.67
C02 FI7 G . -16.19 -28.44 -37.32
C03 FI7 G . -16.21 -29.62 -36.34
C04 FI7 G . -17.63 -28.03 -37.68
C05 FI7 G . -18.47 -27.60 -36.53
C07 FI7 G . -19.50 -26.65 -34.99
C08 FI7 G . -19.96 -25.59 -34.08
C09 FI7 G . -20.86 -25.87 -33.07
C11 FI7 G . -20.70 -23.59 -32.40
C25 FI7 G . -11.82 -28.21 -41.51
C27 FI7 G . -12.91 -30.46 -41.56
N06 FI7 G . -18.60 -26.43 -36.01
N14 FI7 G . -19.44 -24.37 -34.27
N15 FI7 G . -19.89 -27.89 -34.88
N19 FI7 G . -14.09 -28.69 -38.60
O12 FI7 G . -21.02 -22.56 -31.57
O16 FI7 G . -19.20 -28.55 -35.92
O18 FI7 G . -16.08 -29.28 -39.57
O23 FI7 G . -10.87 -26.58 -39.16
O24 FI7 G . -13.00 -25.97 -39.16
#